data_8ZME
#
_entry.id   8ZME
#
loop_
_entity.id
_entity.type
_entity.pdbx_description
1 polymer 'engineered G13'
2 polymer 'Guanine nucleotide-binding protein G(I)/G(S)/G(T) subunit beta-1'
3 polymer scFv16
4 polymer 'Guanine nucleotide-binding protein G(I)/G(S)/G(O) subunit gamma-2'
5 polymer 'Proteinase-activated receptor 2'
#
loop_
_entity_poly.entity_id
_entity_poly.type
_entity_poly.pdbx_seq_one_letter_code
_entity_poly.pdbx_strand_id
1 'polypeptide(L)'
;MGSTVSAEDKAAAERSKEIDKCLSREKTYVKRLVKILLLGADNSGKSTFLKQMRIIHGGSGGSGGTKGIHEYDFEIKNVP
FKMVDVGGQRSERKRWFECFDSVTSILFLVDSSDFNRLTESLNDFETIVNNRVFSNVSIILFLNKTDLLEEKVQIVSIKD
YFLEFEGDPHCLRDVQKFLVECFRNKRRDQQQKPLYHHFTTAINTENARLIFRDVKDTILHDNLKQLMLQ
;
A
2 'polypeptide(L)'
;MGSLLQSELDQLRQEAEQLKNQIRDARKACADATLSQITNNIDPVGRIQMRTRRTLRGHLAKIYAMHWGTDSRLLVSASQ
DGKLIIWDSYTTNKVHAIPLRSSWVMTCAYAPSGNYVACGGLDNICSIYNLKTREGNVRVSRELAGHTGYLSCCRFLDDN
QIVTSSGDTTCALWDIETGQQTTTFTGHTGDVMSLSLAPDTRLFVSGACDASAKLWDVREGMCRQTFTGHESDINAICFF
PNGNAFATGSDDATCRLFDLRADQELMTYSHDNIICGITSVSFSKSGRLLLAGYDDFNCNVWDALKADRAGVLAGHDNRV
SCLGVTDDGMAVATGSWDSFLKIWN
;
B
3 'polypeptide(L)'
;VQLVESGGGLVQPGGSRKLSCSASGFAFSSFGMHWVRQAPEKGLEWVAYISSGSGTIYYADTVKGRFTISRDDPKNTLFL
QMTSLRSEDTAMYYCVRSIYYYGSSPFDFWGQGTTLTVSAGGGGSGGGGSGGGGSADIVMTQATSSVPVTPGESVSISCR
SSKSLLHSNGNTYLYWFLQRPGQSPQLLIYRMSNLASGVPDRFSGSGSGTAFTLTISRLEAEDVGVYYCMQHLEYPLTFG
AGTKLEL
;
E
4 'polypeptide(L)' MASNNTASIAQARKLVEQLKMEANIDRIKVSKAAADLMAYCEAHAKEDPLLTPVPASENPFREKKFFCAIL G
5 'polypeptide(L)'
;MRSPSAAWLLGAAILLAASLSCSGTIQGTNRSSKGRSLIGKVDGTSHVTGKGVTVETVFSVDEFSASVLTGKLTTVFLPI
VYTIVFVVGLPSNGMALWVFLFRTKKKHPAVIYMANLALADLLSVIWFPLKIAYHIHGNNWIYGEALCNVLIGFFYGNMY
CSILFMTCLSVQRYWVIVNPMGHSRKKANIAIGISLAIWLLILLVTIPLYVVKQTIFIPALNITTCHDVLPEQLLVGDMF
NYFLSLAIGVFLFPAFLTASAYVLMIRMLRSSAMDENSEKKRKRAIKLIVTVLAMYLICFTPSNLLLVVHYFLIKSQGQS
HVYALYIVALCLSTLNSCIDPFVYYFVSHDFRDHAKNALLCRSVRTVKQMQVSLTSKKHSRKSSSYSSSSTTVKTSY
;
R
#
# COMPACT_ATOMS: atom_id res chain seq x y z
N GLU A 8 -6.88 2.05 32.12
CA GLU A 8 -5.64 2.46 31.47
C GLU A 8 -5.96 3.24 30.21
N ASP A 9 -4.95 3.89 29.66
CA ASP A 9 -5.07 4.64 28.41
C ASP A 9 -4.69 3.80 27.20
N LYS A 10 -4.97 2.50 27.25
CA LYS A 10 -4.96 1.64 26.06
C LYS A 10 -6.18 1.87 25.19
N ALA A 11 -7.14 2.68 25.64
CA ALA A 11 -8.27 3.05 24.80
C ALA A 11 -7.84 3.73 23.51
N ALA A 12 -6.66 4.34 23.50
CA ALA A 12 -6.12 4.90 22.27
C ALA A 12 -6.10 3.88 21.15
N ALA A 13 -5.82 2.62 21.47
CA ALA A 13 -5.82 1.58 20.44
C ALA A 13 -7.17 1.49 19.75
N GLU A 14 -8.26 1.56 20.52
CA GLU A 14 -9.58 1.55 19.92
C GLU A 14 -9.71 2.62 18.85
N ARG A 15 -9.20 3.82 19.13
CA ARG A 15 -9.24 4.90 18.15
C ARG A 15 -8.68 4.43 16.82
N SER A 16 -7.49 3.82 16.84
CA SER A 16 -6.88 3.37 15.60
C SER A 16 -7.82 2.47 14.83
N LYS A 17 -8.46 1.51 15.51
CA LYS A 17 -9.32 0.58 14.83
C LYS A 17 -10.40 1.30 14.04
N GLU A 18 -11.06 2.28 14.66
CA GLU A 18 -12.09 3.01 13.95
C GLU A 18 -11.54 3.60 12.66
N ILE A 19 -10.38 4.24 12.74
CA ILE A 19 -9.77 4.82 11.55
C ILE A 19 -9.61 3.76 10.48
N ASP A 20 -9.06 2.60 10.84
CA ASP A 20 -8.85 1.55 9.86
C ASP A 20 -10.14 1.22 9.13
N LYS A 21 -11.24 1.11 9.87
CA LYS A 21 -12.50 0.73 9.24
C LYS A 21 -12.85 1.70 8.12
N CYS A 22 -12.71 3.00 8.37
CA CYS A 22 -13.08 3.96 7.34
C CYS A 22 -12.24 3.77 6.09
N LEU A 23 -10.94 3.51 6.26
CA LEU A 23 -10.10 3.30 5.09
C LEU A 23 -10.61 2.14 4.25
N SER A 24 -11.05 1.06 4.90
CA SER A 24 -11.57 -0.07 4.14
C SER A 24 -12.82 0.31 3.36
N ARG A 25 -13.67 1.17 3.91
CA ARG A 25 -14.86 1.56 3.17
C ARG A 25 -14.53 2.41 1.95
N GLU A 26 -13.29 2.86 1.80
CA GLU A 26 -12.91 3.46 0.53
C GLU A 26 -12.35 2.45 -0.44
N LYS A 27 -11.71 1.39 0.06
CA LYS A 27 -11.00 0.47 -0.82
C LYS A 27 -11.94 -0.19 -1.82
N THR A 28 -13.09 -0.66 -1.36
CA THR A 28 -14.08 -1.27 -2.23
C THR A 28 -14.48 -0.37 -3.38
N TYR A 29 -14.45 0.95 -3.18
CA TYR A 29 -14.73 1.91 -4.23
C TYR A 29 -13.56 2.13 -5.16
N VAL A 30 -12.34 2.16 -4.62
CA VAL A 30 -11.17 2.53 -5.42
C VAL A 30 -10.96 1.54 -6.55
N LYS A 31 -11.21 0.25 -6.30
CA LYS A 31 -10.98 -0.76 -7.33
C LYS A 31 -11.97 -0.65 -8.49
N ARG A 32 -13.07 0.09 -8.34
CA ARG A 32 -14.07 0.18 -9.39
C ARG A 32 -13.97 1.44 -10.23
N LEU A 33 -12.97 2.27 -9.97
CA LEU A 33 -12.82 3.54 -10.67
C LEU A 33 -11.99 3.35 -11.94
N VAL A 34 -12.43 3.99 -13.03
CA VAL A 34 -11.65 3.99 -14.27
C VAL A 34 -11.22 5.41 -14.58
N LYS A 35 -9.95 5.57 -14.91
CA LYS A 35 -9.34 6.87 -15.17
C LYS A 35 -9.07 7.06 -16.64
N ILE A 36 -9.35 8.27 -17.14
CA ILE A 36 -9.09 8.63 -18.53
C ILE A 36 -8.31 9.93 -18.53
N LEU A 37 -7.22 9.97 -19.28
CA LEU A 37 -6.42 11.19 -19.39
C LEU A 37 -6.74 11.88 -20.72
N LEU A 38 -7.17 13.14 -20.65
CA LEU A 38 -7.68 13.85 -21.81
C LEU A 38 -6.64 14.86 -22.31
N LEU A 39 -6.38 14.85 -23.62
CA LEU A 39 -5.46 15.78 -24.25
C LEU A 39 -6.07 16.35 -25.53
N GLY A 40 -5.74 17.60 -25.80
CA GLY A 40 -6.31 18.29 -26.92
C GLY A 40 -5.49 19.50 -27.28
N ALA A 41 -6.19 20.57 -27.69
CA ALA A 41 -5.53 21.78 -28.11
C ALA A 41 -6.48 22.94 -27.94
N ASP A 42 -6.03 24.11 -28.37
CA ASP A 42 -6.84 25.31 -28.20
C ASP A 42 -8.09 25.29 -29.07
N ASN A 43 -7.95 24.95 -30.34
CA ASN A 43 -9.07 24.91 -31.27
C ASN A 43 -9.56 23.49 -31.51
N SER A 44 -9.19 22.54 -30.65
CA SER A 44 -9.64 21.17 -30.78
C SER A 44 -11.01 20.92 -30.19
N GLY A 45 -11.76 21.97 -29.86
CA GLY A 45 -13.12 21.79 -29.39
C GLY A 45 -13.23 21.17 -28.02
N LYS A 46 -12.20 21.32 -27.19
CA LYS A 46 -12.24 20.73 -25.85
C LYS A 46 -13.36 21.35 -25.02
N SER A 47 -13.53 22.67 -25.11
CA SER A 47 -14.54 23.35 -24.31
C SER A 47 -15.94 22.87 -24.65
N THR A 48 -16.31 22.86 -25.92
CA THR A 48 -17.66 22.42 -26.30
C THR A 48 -17.87 20.95 -26.00
N PHE A 49 -16.86 20.12 -26.23
CA PHE A 49 -16.97 18.70 -25.95
C PHE A 49 -17.23 18.46 -24.47
N LEU A 50 -16.51 19.17 -23.60
CA LEU A 50 -16.76 19.03 -22.17
C LEU A 50 -18.13 19.58 -21.79
N LYS A 51 -18.53 20.71 -22.37
CA LYS A 51 -19.80 21.33 -21.99
C LYS A 51 -20.99 20.46 -22.36
N GLN A 52 -20.96 19.85 -23.54
CA GLN A 52 -22.12 19.13 -24.05
C GLN A 52 -22.33 17.77 -23.43
N MET A 53 -21.42 17.29 -22.58
CA MET A 53 -21.61 16.01 -21.92
C MET A 53 -22.37 16.11 -20.60
N ARG A 54 -22.84 17.31 -20.23
CA ARG A 54 -23.58 17.50 -18.99
C ARG A 54 -22.77 17.04 -17.80
N ILE A 55 -21.52 17.55 -17.73
CA ILE A 55 -20.60 17.14 -16.67
C ILE A 55 -20.64 18.17 -15.55
N ILE A 56 -20.98 17.71 -14.32
CA ILE A 56 -21.02 18.53 -13.11
C ILE A 56 -21.88 19.78 -13.31
N LYS A 67 -6.05 26.75 -14.55
CA LYS A 67 -5.45 26.92 -13.23
C LYS A 67 -5.02 25.57 -12.66
N GLY A 68 -4.10 24.90 -13.34
CA GLY A 68 -3.62 23.62 -12.89
C GLY A 68 -4.50 22.48 -13.36
N ILE A 69 -4.24 21.30 -12.79
CA ILE A 69 -4.91 20.09 -13.20
C ILE A 69 -6.37 20.13 -12.77
N HIS A 70 -7.27 19.88 -13.71
CA HIS A 70 -8.69 19.81 -13.42
C HIS A 70 -9.15 18.36 -13.42
N GLU A 71 -10.17 18.07 -12.63
CA GLU A 71 -10.77 16.74 -12.62
C GLU A 71 -12.26 16.84 -12.86
N TYR A 72 -12.83 15.79 -13.43
CA TYR A 72 -14.28 15.64 -13.51
C TYR A 72 -14.64 14.21 -13.13
N ASP A 73 -15.62 14.06 -12.25
CA ASP A 73 -16.08 12.75 -11.83
C ASP A 73 -17.53 12.54 -12.26
N PHE A 74 -17.80 11.41 -12.90
CA PHE A 74 -19.18 11.07 -13.24
C PHE A 74 -19.31 9.56 -13.30
N GLU A 75 -20.50 9.12 -13.71
CA GLU A 75 -20.84 7.70 -13.74
C GLU A 75 -21.58 7.36 -15.02
N ILE A 76 -21.35 6.15 -15.53
CA ILE A 76 -22.07 5.65 -16.70
C ILE A 76 -22.49 4.22 -16.41
N LYS A 77 -23.79 3.95 -16.50
CA LYS A 77 -24.35 2.61 -16.36
C LYS A 77 -23.75 1.87 -15.16
N ASN A 78 -23.72 2.57 -14.02
CA ASN A 78 -23.24 2.04 -12.75
C ASN A 78 -21.75 1.71 -12.76
N VAL A 79 -20.94 2.48 -13.45
CA VAL A 79 -19.48 2.39 -13.39
C VAL A 79 -18.92 3.79 -13.22
N PRO A 80 -17.99 4.01 -12.28
CA PRO A 80 -17.50 5.37 -12.03
C PRO A 80 -16.27 5.72 -12.87
N PHE A 81 -16.34 6.89 -13.51
CA PHE A 81 -15.33 7.40 -14.41
C PHE A 81 -14.77 8.70 -13.86
N LYS A 82 -13.44 8.82 -13.95
CA LYS A 82 -12.73 10.03 -13.58
C LYS A 82 -11.91 10.49 -14.75
N MET A 83 -12.13 11.72 -15.20
CA MET A 83 -11.44 12.29 -16.34
C MET A 83 -10.51 13.37 -15.85
N VAL A 84 -9.23 13.27 -16.22
CA VAL A 84 -8.20 14.20 -15.81
C VAL A 84 -7.84 15.09 -16.98
N ASP A 85 -7.96 16.40 -16.78
CA ASP A 85 -7.69 17.40 -17.80
C ASP A 85 -6.43 18.15 -17.39
N VAL A 86 -5.45 18.14 -18.28
CA VAL A 86 -4.22 18.90 -18.12
C VAL A 86 -4.30 20.12 -19.03
N GLY A 87 -4.29 21.30 -18.43
CA GLY A 87 -4.55 22.50 -19.19
C GLY A 87 -3.33 23.18 -19.78
N GLY A 88 -2.70 22.56 -20.77
CA GLY A 88 -1.57 23.15 -21.44
C GLY A 88 -0.24 22.94 -20.76
N GLN A 89 -0.21 22.39 -19.55
CA GLN A 89 1.05 22.13 -18.86
C GLN A 89 1.83 20.98 -19.48
N ARG A 90 1.24 20.24 -20.41
CA ARG A 90 1.88 19.07 -21.01
C ARG A 90 3.14 19.42 -21.78
N SER A 91 3.54 20.69 -21.82
CA SER A 91 4.84 21.06 -22.35
C SER A 91 5.98 20.58 -21.47
N GLU A 92 5.68 20.17 -20.23
CA GLU A 92 6.71 19.64 -19.35
C GLU A 92 7.18 18.30 -19.89
N ARG A 93 8.49 18.20 -20.14
CA ARG A 93 9.05 17.05 -20.84
C ARG A 93 9.85 16.13 -19.94
N LYS A 94 9.71 16.23 -18.63
CA LYS A 94 10.55 15.46 -17.73
C LYS A 94 9.83 14.20 -17.25
N ARG A 95 10.64 13.23 -16.79
CA ARG A 95 10.08 11.94 -16.38
C ARG A 95 9.13 12.08 -15.20
N TRP A 96 9.46 12.87 -14.20
CA TRP A 96 8.67 12.92 -12.98
C TRP A 96 7.28 13.53 -13.18
N PHE A 97 7.05 14.22 -14.30
CA PHE A 97 5.69 14.62 -14.65
C PHE A 97 4.89 13.49 -15.25
N GLU A 98 5.55 12.39 -15.66
CA GLU A 98 4.86 11.19 -16.09
C GLU A 98 4.67 10.28 -14.88
N CYS A 99 3.76 10.69 -14.01
CA CYS A 99 3.35 9.94 -12.83
C CYS A 99 1.92 9.45 -12.98
N PHE A 100 1.46 9.30 -14.22
CA PHE A 100 0.12 8.86 -14.57
C PHE A 100 0.16 7.42 -15.04
N ASP A 101 0.96 6.58 -14.40
CA ASP A 101 1.10 5.20 -14.82
C ASP A 101 -0.05 4.29 -14.39
N SER A 102 -1.15 4.88 -13.90
CA SER A 102 -2.30 4.11 -13.47
C SER A 102 -3.52 4.29 -14.37
N VAL A 103 -3.43 5.12 -15.41
CA VAL A 103 -4.59 5.38 -16.24
C VAL A 103 -4.91 4.16 -17.10
N THR A 104 -6.10 4.19 -17.71
CA THR A 104 -6.56 3.12 -18.58
C THR A 104 -6.71 3.54 -20.03
N SER A 105 -6.83 4.84 -20.33
CA SER A 105 -6.88 5.27 -21.71
C SER A 105 -6.43 6.71 -21.85
N ILE A 106 -5.95 7.04 -23.04
CA ILE A 106 -5.54 8.39 -23.41
C ILE A 106 -6.43 8.87 -24.55
N LEU A 107 -7.00 10.07 -24.40
CA LEU A 107 -8.03 10.55 -25.31
C LEU A 107 -7.56 11.81 -26.02
N PHE A 108 -7.30 11.71 -27.32
CA PHE A 108 -6.93 12.86 -28.14
C PHE A 108 -8.13 13.46 -28.83
N LEU A 109 -8.22 14.79 -28.80
CA LEU A 109 -9.11 15.54 -29.68
C LEU A 109 -8.25 16.29 -30.68
N VAL A 110 -8.58 16.18 -31.97
CA VAL A 110 -7.79 16.80 -33.03
C VAL A 110 -8.73 17.45 -34.03
N ASP A 111 -8.34 18.61 -34.54
CA ASP A 111 -9.15 19.35 -35.50
C ASP A 111 -8.69 18.96 -36.91
N SER A 112 -9.63 18.52 -37.74
CA SER A 112 -9.35 18.06 -39.08
C SER A 112 -9.73 19.08 -40.15
N SER A 113 -10.14 20.28 -39.75
CA SER A 113 -10.56 21.28 -40.74
C SER A 113 -9.37 22.10 -41.23
N ASP A 114 -8.56 22.62 -40.32
CA ASP A 114 -7.46 23.52 -40.65
C ASP A 114 -6.25 22.66 -41.04
N PHE A 115 -5.94 22.65 -42.34
CA PHE A 115 -4.88 21.78 -42.83
C PHE A 115 -3.51 22.21 -42.33
N ASN A 116 -3.20 23.51 -42.37
CA ASN A 116 -1.90 24.01 -41.97
C ASN A 116 -1.48 23.55 -40.59
N ARG A 117 -2.40 23.54 -39.63
CA ARG A 117 -2.05 23.19 -38.27
C ARG A 117 -1.86 21.71 -38.06
N LEU A 118 -2.31 20.87 -39.02
CA LEU A 118 -2.29 19.43 -38.80
C LEU A 118 -0.91 18.94 -38.39
N THR A 119 0.12 19.31 -39.15
CA THR A 119 1.47 18.88 -38.81
C THR A 119 1.78 19.21 -37.35
N GLU A 120 1.50 20.44 -36.93
CA GLU A 120 1.65 20.80 -35.52
C GLU A 120 1.00 19.77 -34.62
N SER A 121 -0.32 19.61 -34.72
CA SER A 121 -0.99 18.63 -33.89
C SER A 121 -0.40 17.25 -34.10
N LEU A 122 -0.15 16.91 -35.36
CA LEU A 122 0.39 15.59 -35.65
C LEU A 122 1.69 15.36 -34.91
N ASN A 123 2.55 16.37 -34.89
CA ASN A 123 3.82 16.26 -34.19
C ASN A 123 3.61 15.79 -32.76
N ASP A 124 2.69 16.44 -32.04
CA ASP A 124 2.50 16.14 -30.63
C ASP A 124 2.27 14.66 -30.42
N PHE A 125 1.53 14.03 -31.33
CA PHE A 125 1.19 12.62 -31.18
C PHE A 125 2.45 11.80 -30.94
N GLU A 126 3.45 11.96 -31.79
CA GLU A 126 4.58 11.07 -31.76
C GLU A 126 5.36 11.21 -30.46
N THR A 127 5.18 12.34 -29.76
CA THR A 127 5.91 12.54 -28.51
C THR A 127 5.22 11.81 -27.35
N ILE A 128 3.89 11.77 -27.35
CA ILE A 128 3.17 11.30 -26.16
C ILE A 128 2.83 9.83 -26.25
N VAL A 129 2.71 9.28 -27.46
CA VAL A 129 2.30 7.88 -27.62
C VAL A 129 3.46 6.92 -27.47
N ASN A 130 4.65 7.29 -27.93
CA ASN A 130 5.79 6.38 -27.94
C ASN A 130 6.55 6.37 -26.63
N ASN A 131 6.12 7.09 -25.61
CA ASN A 131 6.79 7.11 -24.32
C ASN A 131 6.66 5.75 -23.64
N ARG A 132 7.50 5.54 -22.69
CA ARG A 132 7.64 4.18 -22.17
C ARG A 132 6.68 3.88 -21.04
N VAL A 133 6.25 4.90 -20.28
CA VAL A 133 5.28 4.68 -19.22
C VAL A 133 3.94 4.22 -19.78
N PHE A 134 3.64 4.56 -21.03
CA PHE A 134 2.37 4.23 -21.66
C PHE A 134 2.46 3.00 -22.55
N SER A 135 3.22 2.00 -22.15
CA SER A 135 3.33 0.79 -22.97
C SER A 135 2.08 -0.07 -22.93
N ASN A 136 1.31 -0.03 -21.85
CA ASN A 136 0.14 -0.87 -21.70
C ASN A 136 -1.15 -0.06 -21.47
N VAL A 137 -1.36 0.98 -22.27
CA VAL A 137 -2.60 1.75 -22.23
C VAL A 137 -3.14 1.90 -23.65
N SER A 138 -4.42 2.21 -23.76
CA SER A 138 -5.11 2.33 -25.03
C SER A 138 -5.17 3.80 -25.47
N ILE A 139 -5.38 4.00 -26.77
CA ILE A 139 -5.48 5.33 -27.34
C ILE A 139 -6.81 5.45 -28.05
N ILE A 140 -7.53 6.53 -27.77
CA ILE A 140 -8.79 6.84 -28.43
C ILE A 140 -8.62 8.18 -29.12
N LEU A 141 -9.02 8.24 -30.39
CA LEU A 141 -8.79 9.39 -31.24
C LEU A 141 -10.14 9.94 -31.69
N PHE A 142 -10.32 11.25 -31.57
CA PHE A 142 -11.55 11.91 -31.97
C PHE A 142 -11.20 13.00 -32.98
N LEU A 143 -11.62 12.81 -34.21
CA LEU A 143 -11.46 13.81 -35.26
C LEU A 143 -12.75 14.61 -35.33
N ASN A 144 -12.64 15.92 -35.30
CA ASN A 144 -13.78 16.75 -34.94
C ASN A 144 -14.40 17.59 -36.05
N LYS A 145 -15.72 17.85 -35.87
CA LYS A 145 -16.56 18.73 -36.74
C LYS A 145 -17.10 17.93 -37.97
N THR A 146 -16.22 17.24 -38.71
CA THR A 146 -16.54 16.41 -39.92
C THR A 146 -17.65 17.10 -40.71
N ASP A 147 -17.69 18.44 -40.80
CA ASP A 147 -18.56 19.15 -41.74
C ASP A 147 -17.81 20.26 -42.44
N LEU A 148 -16.90 20.93 -41.73
CA LEU A 148 -15.97 21.82 -42.43
C LEU A 148 -15.16 21.06 -43.46
N LEU A 149 -14.87 19.78 -43.21
CA LEU A 149 -14.32 18.94 -44.26
C LEU A 149 -15.26 18.81 -45.43
N GLU A 150 -16.55 18.57 -45.17
CA GLU A 150 -17.52 18.46 -46.26
C GLU A 150 -17.54 19.73 -47.09
N GLU A 151 -17.42 20.88 -46.42
CA GLU A 151 -17.43 22.15 -47.14
C GLU A 151 -16.14 22.37 -47.92
N LYS A 152 -14.99 22.10 -47.31
CA LYS A 152 -13.72 22.43 -47.95
C LYS A 152 -13.36 21.46 -49.07
N VAL A 153 -13.71 20.19 -48.94
CA VAL A 153 -13.25 19.19 -49.89
C VAL A 153 -13.76 19.47 -51.29
N GLN A 154 -14.96 20.04 -51.42
CA GLN A 154 -15.49 20.44 -52.72
C GLN A 154 -14.98 21.81 -53.15
N ILE A 155 -14.05 22.40 -52.42
CA ILE A 155 -13.54 23.74 -52.72
C ILE A 155 -12.01 23.75 -52.83
N VAL A 156 -11.31 23.25 -51.82
CA VAL A 156 -9.86 23.39 -51.71
C VAL A 156 -9.21 22.01 -51.75
N SER A 157 -7.99 21.95 -52.27
CA SER A 157 -7.32 20.68 -52.48
C SER A 157 -6.34 20.35 -51.36
N ILE A 158 -6.35 19.09 -50.92
CA ILE A 158 -5.42 18.61 -49.92
C ILE A 158 -3.99 18.64 -50.43
N LYS A 159 -3.80 18.54 -51.76
CA LYS A 159 -2.47 18.37 -52.31
C LYS A 159 -1.56 19.57 -52.11
N ASP A 160 -2.13 20.76 -51.91
CA ASP A 160 -1.33 21.95 -51.66
C ASP A 160 -0.55 21.86 -50.36
N TYR A 161 -0.93 20.97 -49.45
CA TYR A 161 -0.28 20.80 -48.16
C TYR A 161 0.36 19.43 -48.00
N PHE A 162 -0.35 18.37 -48.36
CA PHE A 162 0.17 17.01 -48.31
C PHE A 162 0.25 16.48 -49.74
N LEU A 163 1.40 15.95 -50.12
CA LEU A 163 1.61 15.52 -51.49
C LEU A 163 1.38 14.04 -51.71
N GLU A 164 1.12 13.27 -50.67
CA GLU A 164 1.07 11.82 -50.79
C GLU A 164 -0.35 11.29 -51.03
N PHE A 165 -1.36 12.15 -51.06
CA PHE A 165 -2.73 11.68 -51.25
C PHE A 165 -2.86 11.09 -52.65
N GLU A 166 -3.02 9.77 -52.71
CA GLU A 166 -2.92 9.04 -53.96
C GLU A 166 -4.24 8.84 -54.68
N GLY A 167 -5.34 9.28 -54.10
CA GLY A 167 -6.65 9.13 -54.70
C GLY A 167 -7.13 10.39 -55.38
N ASP A 168 -8.46 10.56 -55.42
CA ASP A 168 -9.08 11.74 -56.01
C ASP A 168 -9.43 12.72 -54.90
N PRO A 169 -8.78 13.89 -54.84
CA PRO A 169 -8.99 14.83 -53.74
C PRO A 169 -10.31 15.59 -53.79
N HIS A 170 -11.39 14.86 -53.99
CA HIS A 170 -12.74 15.40 -53.81
C HIS A 170 -13.69 14.44 -53.11
N CYS A 171 -13.28 13.20 -52.85
CA CYS A 171 -14.12 12.20 -52.21
C CYS A 171 -13.79 12.17 -50.72
N LEU A 172 -14.84 12.22 -49.89
CA LEU A 172 -14.63 12.27 -48.44
C LEU A 172 -14.04 10.97 -47.91
N ARG A 173 -14.44 9.83 -48.48
CA ARG A 173 -13.93 8.55 -48.01
C ARG A 173 -12.42 8.44 -48.19
N ASP A 174 -11.93 8.84 -49.36
CA ASP A 174 -10.50 8.73 -49.64
C ASP A 174 -9.68 9.59 -48.68
N VAL A 175 -10.11 10.83 -48.47
CA VAL A 175 -9.37 11.73 -47.61
C VAL A 175 -9.42 11.26 -46.17
N GLN A 176 -10.56 10.72 -45.73
CA GLN A 176 -10.64 10.25 -44.36
C GLN A 176 -9.73 9.05 -44.13
N LYS A 177 -9.71 8.13 -45.10
CA LYS A 177 -8.77 7.02 -45.00
C LYS A 177 -7.34 7.53 -44.95
N PHE A 178 -7.03 8.54 -45.75
CA PHE A 178 -5.67 9.09 -45.77
C PHE A 178 -5.30 9.66 -44.41
N LEU A 179 -6.20 10.41 -43.79
CA LEU A 179 -5.92 11.01 -42.49
C LEU A 179 -5.69 9.96 -41.42
N VAL A 180 -6.59 8.97 -41.35
CA VAL A 180 -6.45 7.97 -40.30
C VAL A 180 -5.19 7.14 -40.53
N GLU A 181 -4.84 6.87 -41.79
CA GLU A 181 -3.59 6.17 -42.06
C GLU A 181 -2.40 6.98 -41.59
N CYS A 182 -2.40 8.29 -41.85
CA CYS A 182 -1.28 9.12 -41.41
C CYS A 182 -1.14 9.06 -39.90
N PHE A 183 -2.25 9.07 -39.18
CA PHE A 183 -2.14 9.02 -37.72
C PHE A 183 -1.71 7.64 -37.23
N ARG A 184 -2.16 6.56 -37.88
CA ARG A 184 -1.74 5.24 -37.45
C ARG A 184 -0.26 5.01 -37.69
N ASN A 185 0.29 5.63 -38.73
CA ASN A 185 1.65 5.27 -39.13
C ASN A 185 2.71 5.61 -38.09
N LYS A 186 2.43 6.51 -37.15
CA LYS A 186 3.45 6.90 -36.19
C LYS A 186 3.41 6.17 -34.86
N ARG A 187 2.62 5.11 -34.74
CA ARG A 187 2.64 4.28 -33.55
C ARG A 187 3.50 3.05 -33.81
N ARG A 188 4.68 3.00 -33.19
CA ARG A 188 5.50 1.80 -33.24
C ARG A 188 4.98 0.78 -32.24
N ASP A 189 5.59 -0.41 -32.25
CA ASP A 189 5.15 -1.50 -31.41
C ASP A 189 3.67 -1.75 -31.64
N GLN A 190 3.33 -2.20 -32.84
CA GLN A 190 1.97 -2.11 -33.35
C GLN A 190 0.96 -2.76 -32.42
N GLN A 191 1.35 -3.80 -31.68
CA GLN A 191 0.34 -4.57 -30.99
C GLN A 191 0.65 -4.93 -29.53
N GLN A 192 0.33 -4.01 -28.64
CA GLN A 192 0.16 -4.37 -27.23
C GLN A 192 -1.30 -4.19 -26.85
N LYS A 193 -1.82 -3.00 -27.13
CA LYS A 193 -3.23 -2.65 -27.02
C LYS A 193 -3.58 -1.67 -28.12
N PRO A 194 -4.79 -1.74 -28.65
CA PRO A 194 -5.06 -1.14 -29.96
C PRO A 194 -5.28 0.37 -29.91
N LEU A 195 -5.42 0.93 -31.10
CA LEU A 195 -5.77 2.33 -31.30
C LEU A 195 -7.16 2.40 -31.94
N TYR A 196 -8.04 3.17 -31.35
CA TYR A 196 -9.41 3.32 -31.82
C TYR A 196 -9.57 4.69 -32.48
N HIS A 197 -10.62 4.83 -33.30
CA HIS A 197 -10.84 6.10 -33.98
C HIS A 197 -12.33 6.33 -34.22
N HIS A 198 -12.71 7.60 -34.34
CA HIS A 198 -14.11 7.98 -34.54
C HIS A 198 -14.21 9.34 -35.19
N PHE A 199 -15.43 9.67 -35.63
CA PHE A 199 -15.78 10.97 -36.19
C PHE A 199 -17.00 11.50 -35.45
N THR A 200 -16.99 12.80 -35.13
CA THR A 200 -18.10 13.37 -34.37
C THR A 200 -18.13 14.88 -34.49
N THR A 201 -19.34 15.44 -34.56
CA THR A 201 -19.50 16.88 -34.62
C THR A 201 -20.29 17.38 -33.43
N ALA A 202 -21.55 16.97 -33.25
CA ALA A 202 -22.40 17.48 -32.18
C ALA A 202 -23.29 16.37 -31.63
N ILE A 203 -22.78 15.13 -31.59
CA ILE A 203 -23.63 14.02 -31.17
C ILE A 203 -23.98 14.12 -29.70
N ASN A 204 -22.99 14.37 -28.84
CA ASN A 204 -23.19 14.75 -27.45
C ASN A 204 -24.00 13.71 -26.67
N THR A 205 -24.37 12.61 -27.34
CA THR A 205 -25.35 11.69 -26.79
C THR A 205 -24.90 10.24 -26.82
N GLU A 206 -24.17 9.83 -27.85
CA GLU A 206 -23.64 8.47 -27.93
C GLU A 206 -22.17 8.39 -27.55
N ASN A 207 -21.58 9.50 -27.12
CA ASN A 207 -20.16 9.50 -26.78
C ASN A 207 -19.86 8.61 -25.60
N ALA A 208 -20.72 8.63 -24.58
CA ALA A 208 -20.53 7.77 -23.43
C ALA A 208 -20.52 6.31 -23.84
N ARG A 209 -21.40 5.93 -24.76
CA ARG A 209 -21.45 4.55 -25.21
C ARG A 209 -20.16 4.14 -25.89
N LEU A 210 -19.61 5.02 -26.74
CA LEU A 210 -18.38 4.70 -27.44
C LEU A 210 -17.20 4.53 -26.48
N ILE A 211 -17.04 5.47 -25.56
CA ILE A 211 -15.97 5.35 -24.60
C ILE A 211 -16.13 4.08 -23.77
N PHE A 212 -17.37 3.76 -23.40
CA PHE A 212 -17.62 2.56 -22.59
C PHE A 212 -17.24 1.29 -23.34
N ARG A 213 -17.60 1.21 -24.62
CA ARG A 213 -17.25 0.04 -25.41
C ARG A 213 -15.75 -0.14 -25.49
N ASP A 214 -15.02 0.93 -25.76
CA ASP A 214 -13.57 0.80 -25.85
C ASP A 214 -12.93 0.39 -24.53
N VAL A 215 -13.40 0.96 -23.40
CA VAL A 215 -12.83 0.56 -22.12
C VAL A 215 -13.12 -0.92 -21.84
N LYS A 216 -14.32 -1.38 -22.18
CA LYS A 216 -14.66 -2.78 -21.92
C LYS A 216 -13.79 -3.71 -22.76
N ASP A 217 -13.51 -3.33 -23.99
CA ASP A 217 -12.60 -4.11 -24.83
C ASP A 217 -11.20 -4.18 -24.22
N THR A 218 -10.69 -3.06 -23.70
CA THR A 218 -9.38 -3.10 -23.05
C THR A 218 -9.38 -4.03 -21.84
N ILE A 219 -10.45 -3.99 -21.05
CA ILE A 219 -10.53 -4.85 -19.88
C ILE A 219 -10.53 -6.32 -20.29
N LEU A 220 -11.19 -6.65 -21.40
CA LEU A 220 -11.14 -8.02 -21.90
C LEU A 220 -9.72 -8.41 -22.30
N HIS A 221 -9.00 -7.48 -22.94
CA HIS A 221 -7.61 -7.74 -23.27
C HIS A 221 -6.79 -8.10 -22.05
N ASP A 222 -7.08 -7.47 -20.91
CA ASP A 222 -6.35 -7.80 -19.69
C ASP A 222 -6.78 -9.14 -19.09
N ASN A 223 -8.10 -9.38 -19.04
CA ASN A 223 -8.60 -10.62 -18.43
C ASN A 223 -8.13 -11.85 -19.19
N LEU A 224 -8.10 -11.81 -20.52
CA LEU A 224 -7.61 -12.97 -21.25
C LEU A 224 -6.14 -13.25 -21.01
N LYS A 225 -5.41 -12.30 -20.44
CA LYS A 225 -4.02 -12.54 -20.04
C LYS A 225 -3.92 -13.05 -18.62
N GLN A 226 -4.83 -12.63 -17.72
CA GLN A 226 -4.80 -13.15 -16.36
C GLN A 226 -5.07 -14.66 -16.31
N LEU A 227 -6.02 -15.14 -17.10
CA LEU A 227 -6.49 -16.52 -17.02
C LEU A 227 -5.61 -17.50 -17.77
N MET A 228 -4.52 -17.05 -18.36
CA MET A 228 -3.56 -17.88 -19.08
C MET A 228 -4.16 -18.50 -20.34
N LEU A 229 -5.30 -17.99 -20.80
CA LEU A 229 -5.99 -18.54 -21.96
C LEU A 229 -5.55 -17.81 -23.22
N GLN A 230 -4.23 -17.73 -23.37
CA GLN A 230 -3.64 -17.01 -24.48
C GLN A 230 -2.14 -17.32 -24.59
N GLU B 8 30.16 46.30 -25.23
CA GLU B 8 29.87 45.37 -26.33
C GLU B 8 29.53 43.98 -25.79
N LEU B 9 28.60 43.30 -26.46
CA LEU B 9 28.22 41.96 -26.06
C LEU B 9 29.40 41.00 -26.17
N ASP B 10 30.19 41.13 -27.24
CA ASP B 10 31.37 40.29 -27.40
C ASP B 10 32.37 40.54 -26.28
N GLN B 11 32.57 41.82 -25.90
CA GLN B 11 33.47 42.12 -24.80
C GLN B 11 32.99 41.49 -23.50
N LEU B 12 31.68 41.55 -23.23
CA LEU B 12 31.15 40.94 -22.02
C LEU B 12 31.32 39.43 -22.04
N ARG B 13 31.09 38.80 -23.19
CA ARG B 13 31.25 37.35 -23.26
C ARG B 13 32.71 36.94 -23.07
N GLN B 14 33.64 37.69 -23.67
CA GLN B 14 35.06 37.41 -23.47
C GLN B 14 35.46 37.60 -22.01
N GLU B 15 34.91 38.64 -21.36
CA GLU B 15 35.18 38.84 -19.94
C GLU B 15 34.65 37.68 -19.11
N ALA B 16 33.48 37.18 -19.46
CA ALA B 16 32.93 36.02 -18.76
C ALA B 16 33.82 34.80 -18.93
N GLU B 17 34.33 34.58 -20.15
CA GLU B 17 35.24 33.46 -20.38
C GLU B 17 36.52 33.60 -19.56
N GLN B 18 37.08 34.82 -19.50
CA GLN B 18 38.28 35.04 -18.71
C GLN B 18 38.00 34.80 -17.23
N LEU B 19 36.86 35.24 -16.73
CA LEU B 19 36.52 35.01 -15.33
C LEU B 19 36.37 33.53 -15.04
N LYS B 20 35.75 32.79 -15.95
CA LYS B 20 35.63 31.34 -15.76
C LYS B 20 37.00 30.68 -15.74
N ASN B 21 37.91 31.12 -16.61
CA ASN B 21 39.27 30.57 -16.59
C ASN B 21 39.96 30.87 -15.26
N GLN B 22 39.79 32.09 -14.75
CA GLN B 22 40.39 32.44 -13.47
C GLN B 22 39.84 31.57 -12.34
N ILE B 23 38.52 31.35 -12.33
CA ILE B 23 37.91 30.54 -11.28
C ILE B 23 38.41 29.10 -11.35
N ARG B 24 38.47 28.54 -12.56
CA ARG B 24 38.96 27.17 -12.70
C ARG B 24 40.41 27.06 -12.25
N ASP B 25 41.24 28.04 -12.61
CA ASP B 25 42.64 28.01 -12.18
C ASP B 25 42.75 28.09 -10.67
N ALA B 26 41.96 28.96 -10.05
CA ALA B 26 42.00 29.07 -8.59
C ALA B 26 41.61 27.76 -7.93
N ARG B 27 40.57 27.11 -8.43
CA ARG B 27 40.16 25.83 -7.86
C ARG B 27 41.24 24.76 -8.07
N LYS B 28 41.88 24.75 -9.23
CA LYS B 28 42.89 23.72 -9.49
C LYS B 28 44.17 24.00 -8.74
N ALA B 29 44.36 25.22 -8.24
CA ALA B 29 45.56 25.54 -7.48
C ALA B 29 45.59 24.88 -6.11
N CYS B 30 44.43 24.66 -5.48
CA CYS B 30 44.38 24.30 -4.07
C CYS B 30 44.30 22.81 -3.80
N ALA B 31 44.26 21.97 -4.84
CA ALA B 31 44.12 20.53 -4.65
C ALA B 31 45.50 19.90 -4.46
N ASP B 32 46.00 19.96 -3.23
CA ASP B 32 47.31 19.45 -2.90
C ASP B 32 47.30 18.00 -2.43
N ALA B 33 46.13 17.39 -2.31
CA ALA B 33 46.01 16.01 -1.87
C ALA B 33 44.59 15.54 -2.15
N THR B 34 44.26 14.38 -1.63
CA THR B 34 42.93 13.82 -1.77
C THR B 34 42.53 13.04 -0.54
N LEU B 35 41.22 12.89 -0.35
CA LEU B 35 40.73 12.13 0.79
C LEU B 35 41.07 10.66 0.67
N SER B 36 41.22 10.15 -0.56
CA SER B 36 41.53 8.75 -0.75
C SER B 36 42.88 8.37 -0.17
N GLN B 37 43.80 9.33 -0.06
CA GLN B 37 45.13 9.06 0.47
C GLN B 37 45.28 9.41 1.94
N ILE B 38 44.59 10.45 2.40
CA ILE B 38 44.73 10.87 3.79
C ILE B 38 44.03 9.90 4.74
N THR B 39 43.01 9.20 4.27
CA THR B 39 42.23 8.31 5.11
C THR B 39 42.46 6.84 4.77
N ASN B 40 43.60 6.50 4.17
CA ASN B 40 43.92 5.12 3.87
C ASN B 40 44.48 4.35 5.06
N ASN B 41 44.32 4.87 6.27
CA ASN B 41 44.84 4.24 7.48
C ASN B 41 43.81 4.24 8.60
N ILE B 42 42.57 3.86 8.30
CA ILE B 42 41.48 3.81 9.25
C ILE B 42 40.91 2.40 9.26
N ASP B 43 40.67 1.86 10.44
CA ASP B 43 40.18 0.50 10.54
C ASP B 43 38.80 0.39 9.91
N PRO B 44 38.61 -0.52 8.97
CA PRO B 44 37.31 -0.64 8.30
C PRO B 44 36.20 -0.95 9.28
N VAL B 45 35.01 -0.44 8.96
CA VAL B 45 33.86 -0.58 9.83
C VAL B 45 33.39 -2.02 9.97
N GLY B 46 33.56 -2.83 8.94
CA GLY B 46 33.04 -4.18 8.98
C GLY B 46 31.59 -4.23 8.58
N ARG B 47 31.05 -5.44 8.57
CA ARG B 47 29.71 -5.69 8.08
C ARG B 47 28.68 -5.14 9.06
N ILE B 48 27.69 -4.43 8.53
CA ILE B 48 26.62 -3.85 9.32
C ILE B 48 25.32 -4.44 8.81
N GLN B 49 24.63 -5.20 9.65
CA GLN B 49 23.38 -5.86 9.27
C GLN B 49 22.26 -5.34 10.17
N MET B 50 21.14 -5.00 9.55
CA MET B 50 19.98 -4.47 10.26
C MET B 50 18.77 -5.31 9.92
N ARG B 51 17.82 -5.37 10.85
CA ARG B 51 16.62 -6.16 10.66
C ARG B 51 15.40 -5.28 10.82
N THR B 52 14.30 -5.69 10.20
CA THR B 52 13.04 -4.99 10.38
C THR B 52 12.54 -5.12 11.81
N ARG B 53 12.09 -4.01 12.37
CA ARG B 53 11.47 -4.02 13.69
C ARG B 53 9.97 -3.81 13.63
N ARG B 54 9.49 -3.02 12.67
CA ARG B 54 8.07 -2.77 12.49
C ARG B 54 7.74 -2.71 11.01
N THR B 55 6.48 -2.98 10.69
CA THR B 55 5.92 -2.69 9.38
C THR B 55 4.62 -1.93 9.60
N LEU B 56 4.37 -0.93 8.78
CA LEU B 56 3.26 -0.02 8.94
C LEU B 56 2.36 -0.09 7.71
N ARG B 57 1.18 -0.69 7.87
CA ARG B 57 0.26 -0.92 6.78
C ARG B 57 -0.93 0.02 6.90
N GLY B 58 -1.61 0.26 5.79
CA GLY B 58 -2.80 1.08 5.83
C GLY B 58 -3.01 2.01 4.65
N HIS B 59 -2.01 2.13 3.78
CA HIS B 59 -2.17 2.97 2.60
C HIS B 59 -2.78 2.15 1.47
N LEU B 60 -3.36 2.85 0.49
CA LEU B 60 -4.00 2.21 -0.65
C LEU B 60 -3.32 2.54 -1.97
N ALA B 61 -2.10 3.07 -1.95
CA ALA B 61 -1.40 3.45 -3.17
C ALA B 61 0.04 3.77 -2.83
N LYS B 62 0.74 4.35 -3.81
CA LYS B 62 2.15 4.64 -3.67
C LYS B 62 2.40 5.70 -2.62
N ILE B 63 3.58 5.67 -2.02
CA ILE B 63 3.98 6.62 -0.99
C ILE B 63 5.03 7.56 -1.56
N TYR B 64 4.84 8.87 -1.40
CA TYR B 64 5.83 9.80 -1.92
C TYR B 64 6.63 10.58 -0.89
N ALA B 65 6.25 10.64 0.38
CA ALA B 65 7.02 11.48 1.29
C ALA B 65 6.88 10.98 2.71
N MET B 66 7.84 11.36 3.55
CA MET B 66 7.74 11.15 4.98
C MET B 66 8.73 12.06 5.69
N HIS B 67 8.42 12.36 6.95
CA HIS B 67 9.24 13.28 7.74
C HIS B 67 9.13 12.90 9.21
N TRP B 68 10.28 12.83 9.89
CA TRP B 68 10.33 12.50 11.31
C TRP B 68 10.06 13.75 12.14
N GLY B 69 9.18 13.60 13.13
CA GLY B 69 8.94 14.66 14.08
C GLY B 69 10.15 14.87 14.96
N THR B 70 10.14 15.97 15.71
CA THR B 70 11.35 16.34 16.44
C THR B 70 11.51 15.61 17.76
N ASP B 71 10.55 14.81 18.19
CA ASP B 71 10.66 14.04 19.42
C ASP B 71 11.13 12.62 19.19
N SER B 72 11.38 12.25 17.93
CA SER B 72 11.87 10.95 17.49
C SER B 72 10.87 9.83 17.70
N ARG B 73 9.58 10.10 17.77
CA ARG B 73 8.58 9.05 17.97
C ARG B 73 7.44 9.09 16.98
N LEU B 74 7.01 10.26 16.52
CA LEU B 74 5.89 10.40 15.60
C LEU B 74 6.38 10.73 14.20
N LEU B 75 5.67 10.23 13.19
CA LEU B 75 6.04 10.52 11.80
C LEU B 75 4.81 10.70 10.92
N VAL B 76 5.00 11.35 9.78
CA VAL B 76 3.92 11.76 8.87
C VAL B 76 4.21 11.20 7.49
N SER B 77 3.18 10.75 6.79
CA SER B 77 3.35 10.23 5.44
C SER B 77 2.20 10.63 4.53
N ALA B 78 2.49 10.69 3.22
CA ALA B 78 1.56 11.18 2.21
C ALA B 78 1.54 10.26 1.00
N SER B 79 0.35 9.90 0.55
CA SER B 79 0.23 8.97 -0.57
C SER B 79 -0.67 9.54 -1.64
N GLN B 80 -0.72 8.85 -2.78
CA GLN B 80 -1.55 9.26 -3.92
C GLN B 80 -3.02 8.97 -3.73
N ASP B 81 -3.40 8.28 -2.65
CA ASP B 81 -4.78 8.17 -2.26
C ASP B 81 -5.41 9.52 -2.00
N GLY B 82 -4.59 10.53 -1.74
CA GLY B 82 -5.09 11.81 -1.27
C GLY B 82 -5.12 11.92 0.24
N LYS B 83 -4.22 11.25 0.94
CA LYS B 83 -4.26 11.23 2.40
C LYS B 83 -2.87 11.42 2.99
N LEU B 84 -2.87 12.11 4.13
CA LEU B 84 -1.75 12.16 5.06
C LEU B 84 -2.12 11.42 6.33
N ILE B 85 -1.16 10.70 6.90
CA ILE B 85 -1.39 9.90 8.10
C ILE B 85 -0.27 10.16 9.08
N ILE B 86 -0.60 10.29 10.37
CA ILE B 86 0.38 10.49 11.42
C ILE B 86 0.45 9.21 12.26
N TRP B 87 1.64 8.65 12.38
CA TRP B 87 1.88 7.38 13.04
C TRP B 87 2.67 7.57 14.33
N ASP B 88 2.31 6.77 15.33
CA ASP B 88 3.12 6.54 16.52
C ASP B 88 3.98 5.30 16.25
N SER B 89 5.28 5.50 16.16
CA SER B 89 6.18 4.45 15.71
C SER B 89 6.43 3.37 16.76
N TYR B 90 6.36 3.69 18.06
CA TYR B 90 6.64 2.69 19.07
C TYR B 90 5.62 1.56 19.10
N THR B 91 4.33 1.87 18.96
CA THR B 91 3.28 0.89 19.15
C THR B 91 2.44 0.61 17.92
N THR B 92 2.72 1.25 16.78
CA THR B 92 1.98 1.06 15.54
C THR B 92 0.49 1.39 15.72
N ASN B 93 0.21 2.65 16.00
CA ASN B 93 -1.15 3.18 16.07
C ASN B 93 -1.32 4.23 14.98
N LYS B 94 -2.49 4.84 14.95
CA LYS B 94 -2.71 6.02 14.14
C LYS B 94 -3.27 7.14 15.00
N VAL B 95 -2.68 8.32 14.87
CA VAL B 95 -3.07 9.48 15.65
C VAL B 95 -4.09 10.33 14.89
N HIS B 96 -3.79 10.69 13.65
CA HIS B 96 -4.72 11.45 12.82
C HIS B 96 -4.62 10.95 11.38
N ALA B 97 -5.76 11.03 10.68
CA ALA B 97 -5.82 10.81 9.24
C ALA B 97 -6.45 12.03 8.59
N ILE B 98 -5.69 12.71 7.73
CA ILE B 98 -6.07 13.98 7.16
C ILE B 98 -6.39 13.78 5.69
N PRO B 99 -7.61 14.08 5.24
CA PRO B 99 -7.91 14.03 3.80
C PRO B 99 -7.44 15.30 3.11
N LEU B 100 -7.36 15.23 1.78
CA LEU B 100 -6.85 16.31 0.97
C LEU B 100 -7.90 16.78 -0.04
N ARG B 101 -7.67 17.97 -0.60
CA ARG B 101 -8.46 18.49 -1.69
C ARG B 101 -7.84 18.21 -3.06
N SER B 102 -6.67 17.58 -3.10
CA SER B 102 -5.99 17.27 -4.35
C SER B 102 -5.29 15.93 -4.21
N SER B 103 -5.43 15.09 -5.22
CA SER B 103 -4.93 13.71 -5.11
C SER B 103 -3.47 13.57 -5.51
N TRP B 104 -2.93 14.49 -6.30
CA TRP B 104 -1.55 14.37 -6.77
C TRP B 104 -0.64 15.20 -5.86
N VAL B 105 -0.09 14.53 -4.85
CA VAL B 105 0.71 15.16 -3.81
C VAL B 105 2.15 14.67 -3.91
N MET B 106 3.11 15.52 -3.56
CA MET B 106 4.52 15.19 -3.74
C MET B 106 5.44 15.60 -2.59
N THR B 107 4.92 16.10 -1.46
CA THR B 107 5.80 16.50 -0.37
C THR B 107 5.01 16.65 0.94
N CYS B 108 5.74 16.61 2.04
CA CYS B 108 5.16 16.81 3.37
C CYS B 108 6.27 17.27 4.32
N ALA B 109 5.89 17.88 5.43
CA ALA B 109 6.86 18.38 6.40
C ALA B 109 6.24 18.46 7.78
N TYR B 110 7.09 18.46 8.81
CA TYR B 110 6.68 18.49 10.21
C TYR B 110 7.32 19.69 10.88
N ALA B 111 6.50 20.50 11.55
CA ALA B 111 7.01 21.71 12.17
C ALA B 111 7.89 21.36 13.37
N PRO B 112 8.91 22.16 13.65
CA PRO B 112 9.82 21.83 14.75
C PRO B 112 9.18 21.90 16.12
N SER B 113 8.03 22.54 16.26
CA SER B 113 7.36 22.65 17.55
C SER B 113 6.29 21.59 17.77
N GLY B 114 5.78 20.97 16.71
CA GLY B 114 4.78 19.95 16.84
C GLY B 114 3.35 20.40 16.63
N ASN B 115 3.13 21.59 16.08
CA ASN B 115 1.78 22.11 15.93
C ASN B 115 1.23 22.00 14.52
N TYR B 116 2.02 22.28 13.48
CA TYR B 116 1.53 22.37 12.12
C TYR B 116 2.12 21.27 11.26
N VAL B 117 1.49 21.04 10.10
CA VAL B 117 2.10 20.26 9.02
C VAL B 117 1.85 20.98 7.70
N ALA B 118 2.58 20.57 6.66
CA ALA B 118 2.48 21.17 5.34
C ALA B 118 2.31 20.12 4.27
N CYS B 119 1.74 20.53 3.14
CA CYS B 119 1.48 19.61 2.04
C CYS B 119 1.49 20.38 0.72
N GLY B 120 1.82 19.69 -0.37
CA GLY B 120 1.92 20.34 -1.66
C GLY B 120 1.99 19.35 -2.80
N GLY B 121 1.73 19.84 -4.01
CA GLY B 121 1.70 18.97 -5.17
C GLY B 121 1.59 19.66 -6.53
N LEU B 122 0.76 19.11 -7.41
CA LEU B 122 0.58 19.62 -8.78
C LEU B 122 -0.48 20.72 -8.88
N ASP B 123 -1.08 21.14 -7.77
CA ASP B 123 -2.03 22.23 -7.80
C ASP B 123 -1.36 23.59 -7.69
N ASN B 124 -0.03 23.63 -7.60
CA ASN B 124 0.77 24.85 -7.48
C ASN B 124 0.52 25.60 -6.17
N ILE B 125 -0.15 24.98 -5.21
CA ILE B 125 -0.54 25.62 -3.95
C ILE B 125 0.05 24.83 -2.80
N CYS B 126 0.51 25.54 -1.77
CA CYS B 126 1.08 24.91 -0.58
C CYS B 126 0.14 25.11 0.59
N SER B 127 -0.30 24.02 1.21
CA SER B 127 -1.32 24.07 2.24
C SER B 127 -0.74 23.79 3.62
N ILE B 128 -1.14 24.59 4.60
CA ILE B 128 -0.64 24.51 5.96
C ILE B 128 -1.79 24.18 6.89
N TYR B 129 -1.66 23.07 7.62
CA TYR B 129 -2.69 22.50 8.48
C TYR B 129 -2.31 22.67 9.95
N ASN B 130 -3.33 22.93 10.77
CA ASN B 130 -3.20 23.20 12.21
C ASN B 130 -3.80 22.02 12.98
N LEU B 131 -3.03 21.49 13.93
CA LEU B 131 -3.39 20.27 14.63
C LEU B 131 -3.91 20.50 16.05
N LYS B 132 -3.57 21.62 16.67
CA LYS B 132 -3.94 21.92 18.05
C LYS B 132 -5.12 22.89 18.03
N THR B 133 -6.32 22.39 18.30
CA THR B 133 -7.52 23.19 18.17
C THR B 133 -8.44 22.93 19.37
N ARG B 134 -9.39 23.83 19.57
CA ARG B 134 -10.41 23.64 20.60
C ARG B 134 -11.48 22.65 20.17
N GLU B 135 -11.96 22.76 18.94
CA GLU B 135 -13.10 21.96 18.50
C GLU B 135 -12.75 20.50 18.26
N GLY B 136 -11.48 20.14 18.20
CA GLY B 136 -11.08 18.75 18.21
C GLY B 136 -10.71 18.14 16.87
N ASN B 137 -11.09 18.77 15.75
CA ASN B 137 -10.73 18.24 14.45
C ASN B 137 -9.48 18.94 13.92
N VAL B 138 -9.11 18.63 12.69
CA VAL B 138 -7.97 19.23 12.01
C VAL B 138 -8.50 20.05 10.85
N ARG B 139 -8.15 21.33 10.82
CA ARG B 139 -8.69 22.25 9.83
C ARG B 139 -7.56 23.01 9.15
N VAL B 140 -7.80 23.37 7.90
CA VAL B 140 -6.80 24.07 7.08
C VAL B 140 -6.62 25.47 7.63
N SER B 141 -5.37 25.89 7.77
CA SER B 141 -5.12 27.22 8.29
C SER B 141 -4.66 28.18 7.21
N ARG B 142 -3.91 27.69 6.22
CA ARG B 142 -3.41 28.63 5.22
C ARG B 142 -3.22 27.94 3.87
N GLU B 143 -3.42 28.71 2.79
CA GLU B 143 -3.11 28.29 1.44
C GLU B 143 -2.24 29.34 0.78
N LEU B 144 -1.02 28.96 0.41
CA LEU B 144 -0.08 29.85 -0.23
C LEU B 144 -0.07 29.58 -1.73
N ALA B 145 -0.32 30.64 -2.51
CA ALA B 145 -0.36 30.56 -3.96
C ALA B 145 0.42 31.72 -4.54
N GLY B 146 0.98 31.51 -5.73
CA GLY B 146 1.86 32.49 -6.34
C GLY B 146 2.99 31.90 -7.15
N HIS B 147 3.21 30.60 -7.03
CA HIS B 147 4.10 29.91 -7.95
C HIS B 147 3.37 29.65 -9.25
N THR B 148 4.14 29.49 -10.32
CA THR B 148 3.55 29.20 -11.63
C THR B 148 3.67 27.74 -12.03
N GLY B 149 4.54 26.96 -11.38
CA GLY B 149 4.63 25.54 -11.60
C GLY B 149 4.31 24.74 -10.34
N TYR B 150 4.66 23.46 -10.39
CA TYR B 150 4.40 22.57 -9.28
C TYR B 150 5.49 22.67 -8.21
N LEU B 151 5.14 22.30 -6.99
CA LEU B 151 6.08 22.32 -5.88
C LEU B 151 6.84 21.01 -5.76
N SER B 152 8.11 21.10 -5.36
CA SER B 152 8.94 19.92 -5.24
C SER B 152 9.40 19.61 -3.83
N CYS B 153 9.64 20.61 -2.99
CA CYS B 153 10.03 20.37 -1.60
C CYS B 153 9.67 21.60 -0.80
N CYS B 154 9.43 21.38 0.50
CA CYS B 154 9.04 22.47 1.41
C CYS B 154 9.47 22.12 2.82
N ARG B 155 10.07 23.09 3.50
CA ARG B 155 10.64 22.91 4.83
C ARG B 155 10.28 24.10 5.71
N PHE B 156 10.30 23.89 7.03
CA PHE B 156 9.95 24.93 8.00
C PHE B 156 11.20 25.54 8.60
N LEU B 157 11.11 26.81 9.01
CA LEU B 157 12.14 27.42 9.84
C LEU B 157 11.66 27.70 11.26
N ASP B 158 10.42 28.17 11.40
CA ASP B 158 9.76 28.30 12.69
C ASP B 158 8.27 28.17 12.41
N ASP B 159 7.44 28.56 13.36
CA ASP B 159 6.00 28.52 13.14
C ASP B 159 5.51 29.71 12.34
N ASN B 160 6.41 30.53 11.79
CA ASN B 160 6.04 31.76 11.10
C ASN B 160 6.61 31.89 9.70
N GLN B 161 7.70 31.18 9.37
CA GLN B 161 8.35 31.30 8.08
C GLN B 161 8.49 29.93 7.44
N ILE B 162 8.36 29.88 6.12
CA ILE B 162 8.43 28.62 5.39
C ILE B 162 9.18 28.84 4.07
N VAL B 163 9.87 27.81 3.59
CA VAL B 163 10.70 27.89 2.39
C VAL B 163 10.20 26.86 1.38
N THR B 164 10.05 27.28 0.12
CA THR B 164 9.56 26.39 -0.93
C THR B 164 10.41 26.48 -2.19
N SER B 165 10.35 25.41 -2.98
CA SER B 165 11.04 25.28 -4.26
C SER B 165 10.06 24.77 -5.30
N SER B 166 10.01 25.42 -6.46
CA SER B 166 8.97 25.08 -7.43
C SER B 166 9.60 24.75 -8.77
N GLY B 167 8.80 24.13 -9.64
CA GLY B 167 9.30 23.61 -10.90
C GLY B 167 9.35 24.61 -12.02
N ASP B 168 9.11 25.88 -11.75
CA ASP B 168 9.43 26.96 -12.69
C ASP B 168 10.71 27.72 -12.36
N THR B 169 11.74 26.99 -11.96
CA THR B 169 13.08 27.52 -11.76
C THR B 169 13.13 28.66 -10.74
N THR B 170 12.56 28.43 -9.56
CA THR B 170 12.66 29.45 -8.51
C THR B 170 12.47 28.84 -7.14
N CYS B 171 12.94 29.58 -6.13
CA CYS B 171 12.73 29.25 -4.72
C CYS B 171 12.24 30.51 -4.01
N ALA B 172 11.53 30.33 -2.90
CA ALA B 172 10.87 31.47 -2.27
C ALA B 172 10.75 31.26 -0.77
N LEU B 173 10.62 32.39 -0.06
CA LEU B 173 10.42 32.39 1.40
C LEU B 173 9.11 33.10 1.72
N TRP B 174 8.19 32.39 2.37
CA TRP B 174 6.85 32.88 2.68
C TRP B 174 6.69 33.16 4.17
N ASP B 175 5.91 34.19 4.46
CA ASP B 175 5.52 34.56 5.82
C ASP B 175 4.08 34.14 6.06
N ILE B 176 3.86 33.25 7.03
CA ILE B 176 2.58 32.57 7.15
C ILE B 176 1.50 33.50 7.63
N GLU B 177 1.82 34.40 8.57
CA GLU B 177 0.79 35.22 9.20
C GLU B 177 0.08 36.11 8.19
N THR B 178 0.83 36.70 7.26
CA THR B 178 0.25 37.61 6.27
C THR B 178 -0.18 36.90 5.00
N GLY B 179 0.68 36.06 4.42
CA GLY B 179 0.29 35.24 3.30
C GLY B 179 0.90 35.59 1.97
N GLN B 180 2.03 36.30 1.94
CA GLN B 180 2.67 36.64 0.68
C GLN B 180 4.18 36.48 0.79
N GLN B 181 4.83 36.52 -0.36
CA GLN B 181 6.27 36.33 -0.47
C GLN B 181 7.04 37.44 0.22
N THR B 182 8.18 37.10 0.81
CA THR B 182 9.09 38.08 1.36
C THR B 182 10.39 38.19 0.56
N THR B 183 10.92 37.07 0.09
CA THR B 183 12.10 37.11 -0.77
C THR B 183 12.04 35.96 -1.75
N THR B 184 12.54 36.22 -2.95
CA THR B 184 12.56 35.24 -4.03
C THR B 184 13.97 35.05 -4.53
N PHE B 185 14.33 33.80 -4.77
CA PHE B 185 15.64 33.42 -5.28
C PHE B 185 15.49 32.85 -6.68
N THR B 186 16.16 33.47 -7.64
CA THR B 186 16.16 33.10 -9.04
C THR B 186 17.59 33.02 -9.53
N GLY B 187 17.80 32.26 -10.61
CA GLY B 187 19.14 32.03 -11.08
C GLY B 187 19.40 30.67 -11.70
N HIS B 188 18.43 29.77 -11.63
CA HIS B 188 18.55 28.47 -12.26
C HIS B 188 18.04 28.50 -13.70
N THR B 189 18.34 27.43 -14.44
CA THR B 189 17.86 27.26 -15.80
C THR B 189 16.77 26.21 -15.94
N GLY B 190 16.90 25.07 -15.26
CA GLY B 190 15.84 24.08 -15.23
C GLY B 190 15.16 24.03 -13.89
N ASP B 191 14.23 23.09 -13.76
CA ASP B 191 13.42 22.98 -12.55
C ASP B 191 14.21 22.40 -11.38
N VAL B 192 13.84 22.84 -10.17
CA VAL B 192 14.53 22.43 -8.96
C VAL B 192 13.84 21.21 -8.37
N MET B 193 14.60 20.33 -7.74
CA MET B 193 14.10 19.06 -7.22
C MET B 193 14.20 18.91 -5.72
N SER B 194 15.32 19.31 -5.11
CA SER B 194 15.44 19.15 -3.68
C SER B 194 16.24 20.29 -3.08
N LEU B 195 15.93 20.60 -1.82
CA LEU B 195 16.66 21.57 -1.03
C LEU B 195 16.85 21.03 0.38
N SER B 196 17.88 21.51 1.06
CA SER B 196 18.13 21.13 2.44
C SER B 196 18.66 22.31 3.24
N LEU B 197 18.30 22.31 4.52
CA LEU B 197 18.49 23.42 5.44
C LEU B 197 19.71 23.22 6.33
N ALA B 198 20.32 24.34 6.70
CA ALA B 198 21.49 24.29 7.54
C ALA B 198 21.10 24.03 8.99
N PRO B 199 21.98 23.41 9.77
CA PRO B 199 21.69 23.18 11.20
C PRO B 199 21.41 24.44 11.99
N ASP B 200 22.02 25.57 11.63
CA ASP B 200 21.81 26.83 12.33
C ASP B 200 20.74 27.70 11.66
N THR B 201 20.10 27.22 10.61
CA THR B 201 19.02 27.94 9.92
C THR B 201 19.48 29.32 9.46
N ARG B 202 20.57 29.33 8.69
CA ARG B 202 21.13 30.55 8.12
C ARG B 202 21.48 30.43 6.65
N LEU B 203 21.57 29.20 6.13
CA LEU B 203 21.88 28.96 4.73
C LEU B 203 21.00 27.82 4.25
N PHE B 204 20.98 27.59 2.93
CA PHE B 204 20.42 26.33 2.43
C PHE B 204 20.94 26.04 1.02
N VAL B 205 20.76 24.80 0.57
CA VAL B 205 21.27 24.38 -0.74
C VAL B 205 20.17 23.74 -1.57
N SER B 206 20.33 23.81 -2.90
CA SER B 206 19.33 23.33 -3.84
C SER B 206 19.99 22.66 -5.04
N GLY B 207 19.30 21.68 -5.62
CA GLY B 207 19.78 20.95 -6.80
C GLY B 207 18.69 21.00 -7.85
N ALA B 208 19.08 21.20 -9.12
CA ALA B 208 18.08 21.70 -10.10
C ALA B 208 18.16 21.17 -11.51
N CYS B 209 18.48 19.91 -11.73
CA CYS B 209 18.39 19.28 -13.06
C CYS B 209 19.20 19.97 -14.10
N ASP B 210 20.27 20.67 -13.73
CA ASP B 210 21.26 21.16 -14.68
C ASP B 210 22.62 20.52 -14.45
N ALA B 211 22.70 19.45 -13.67
CA ALA B 211 23.95 18.95 -13.13
C ALA B 211 24.68 20.06 -12.38
N SER B 212 23.93 20.82 -11.59
CA SER B 212 24.52 21.88 -10.78
C SER B 212 23.72 22.04 -9.50
N ALA B 213 24.39 22.52 -8.47
CA ALA B 213 23.77 22.81 -7.18
C ALA B 213 24.23 24.18 -6.70
N LYS B 214 23.41 24.83 -5.90
CA LYS B 214 23.68 26.19 -5.48
C LYS B 214 23.50 26.37 -3.97
N LEU B 215 24.28 27.30 -3.41
CA LEU B 215 24.20 27.67 -2.00
C LEU B 215 23.59 29.06 -1.86
N TRP B 216 22.55 29.19 -1.05
CA TRP B 216 21.79 30.42 -0.91
C TRP B 216 21.84 30.91 0.53
N ASP B 217 21.91 32.23 0.69
CA ASP B 217 21.75 32.88 1.98
C ASP B 217 20.31 33.37 2.13
N VAL B 218 19.84 33.40 3.38
CA VAL B 218 18.44 33.66 3.66
C VAL B 218 18.17 35.11 4.09
N ARG B 219 19.18 35.81 4.61
CA ARG B 219 19.00 37.19 5.02
C ARG B 219 19.39 38.21 3.96
N GLU B 220 20.09 37.80 2.92
CA GLU B 220 20.51 38.72 1.87
C GLU B 220 19.82 38.50 0.53
N GLY B 221 19.62 37.24 0.13
CA GLY B 221 18.95 36.95 -1.13
C GLY B 221 19.85 36.66 -2.29
N MET B 222 21.14 36.40 -2.06
CA MET B 222 22.10 36.18 -3.13
C MET B 222 22.80 34.84 -2.95
N CYS B 223 23.19 34.25 -4.08
CA CYS B 223 23.89 32.97 -4.08
C CYS B 223 25.38 33.19 -3.99
N ARG B 224 26.04 32.40 -3.15
CA ARG B 224 27.46 32.57 -2.89
C ARG B 224 28.35 31.56 -3.60
N GLN B 225 27.81 30.43 -4.03
CA GLN B 225 28.64 29.39 -4.63
C GLN B 225 27.77 28.45 -5.47
N THR B 226 28.31 28.05 -6.62
CA THR B 226 27.62 27.13 -7.56
C THR B 226 28.56 25.94 -7.86
N PHE B 227 28.09 24.72 -7.61
CA PHE B 227 28.93 23.51 -7.86
C PHE B 227 28.44 22.79 -9.13
N THR B 228 29.39 22.21 -9.87
CA THR B 228 29.08 21.46 -11.12
C THR B 228 29.95 20.20 -11.17
N GLY B 229 29.51 19.17 -11.90
CA GLY B 229 30.28 17.94 -11.99
C GLY B 229 29.51 16.72 -12.46
N HIS B 230 28.21 16.68 -12.25
CA HIS B 230 27.44 15.52 -12.65
C HIS B 230 27.27 15.46 -14.16
N GLU B 231 26.56 14.43 -14.62
CA GLU B 231 26.23 14.31 -16.04
C GLU B 231 24.73 14.35 -16.32
N SER B 232 23.93 14.22 -15.29
CA SER B 232 22.49 14.17 -15.50
C SER B 232 21.79 14.86 -14.33
N ASP B 233 20.50 14.56 -14.13
CA ASP B 233 19.67 15.21 -13.11
C ASP B 233 20.20 14.97 -11.71
N ILE B 234 19.74 15.80 -10.77
CA ILE B 234 20.00 15.65 -9.35
C ILE B 234 18.66 15.47 -8.65
N ASN B 235 18.51 14.39 -7.88
CA ASN B 235 17.23 14.04 -7.31
C ASN B 235 17.14 14.15 -5.80
N ALA B 236 18.27 14.16 -5.08
CA ALA B 236 18.24 14.27 -3.63
C ALA B 236 19.45 15.04 -3.14
N ILE B 237 19.33 15.61 -1.94
CA ILE B 237 20.43 16.39 -1.37
C ILE B 237 20.24 16.45 0.15
N CYS B 238 21.37 16.51 0.88
CA CYS B 238 21.33 16.60 2.33
C CYS B 238 22.64 17.17 2.85
N PHE B 239 22.57 17.87 3.98
CA PHE B 239 23.75 18.32 4.72
C PHE B 239 24.40 17.23 5.57
N PHE B 240 25.68 17.46 5.84
CA PHE B 240 26.44 16.75 6.86
C PHE B 240 26.05 17.32 8.23
N PRO B 241 26.15 16.53 9.30
CA PRO B 241 25.76 17.04 10.62
C PRO B 241 26.56 18.25 11.06
N ASN B 242 27.79 18.39 10.59
CA ASN B 242 28.60 19.55 10.94
C ASN B 242 28.02 20.86 10.42
N GLY B 243 27.51 20.86 9.19
CA GLY B 243 27.14 22.09 8.52
C GLY B 243 28.16 22.60 7.53
N ASN B 244 29.15 21.78 7.16
CA ASN B 244 30.23 22.21 6.28
C ASN B 244 30.48 21.27 5.11
N ALA B 245 29.55 20.37 4.80
CA ALA B 245 29.69 19.51 3.63
C ALA B 245 28.32 18.99 3.25
N PHE B 246 28.14 18.68 1.96
CA PHE B 246 26.86 18.10 1.57
C PHE B 246 27.05 17.03 0.50
N ALA B 247 26.09 16.13 0.43
CA ALA B 247 26.15 14.95 -0.41
C ALA B 247 25.00 14.97 -1.41
N THR B 248 25.35 14.71 -2.67
CA THR B 248 24.45 14.89 -3.81
C THR B 248 24.22 13.56 -4.50
N GLY B 249 22.97 13.33 -4.89
CA GLY B 249 22.57 12.11 -5.55
C GLY B 249 21.95 12.34 -6.91
N SER B 250 22.40 11.61 -7.92
CA SER B 250 22.04 11.87 -9.30
C SER B 250 21.36 10.67 -9.93
N ASP B 251 21.17 10.75 -11.24
CA ASP B 251 20.42 9.77 -12.01
C ASP B 251 21.30 8.85 -12.84
N ASP B 252 22.62 8.96 -12.72
CA ASP B 252 23.55 8.05 -13.40
C ASP B 252 24.24 7.08 -12.44
N ALA B 253 23.56 6.68 -11.37
CA ALA B 253 24.10 5.74 -10.39
C ALA B 253 25.39 6.26 -9.76
N THR B 254 25.31 7.39 -9.08
CA THR B 254 26.50 8.02 -8.52
C THR B 254 26.13 8.99 -7.41
N CYS B 255 26.85 8.91 -6.29
CA CYS B 255 26.74 9.90 -5.23
C CYS B 255 28.04 10.70 -5.16
N ARG B 256 27.95 11.91 -4.65
CA ARG B 256 29.13 12.76 -4.52
C ARG B 256 29.12 13.51 -3.21
N LEU B 257 30.31 13.79 -2.68
CA LEU B 257 30.48 14.58 -1.48
C LEU B 257 31.30 15.82 -1.80
N PHE B 258 30.69 17.00 -1.57
CA PHE B 258 31.25 18.32 -1.82
C PHE B 258 31.50 19.06 -0.51
N ASP B 259 32.46 19.98 -0.52
CA ASP B 259 32.81 20.82 0.62
C ASP B 259 32.56 22.28 0.26
N LEU B 260 32.24 23.10 1.26
CA LEU B 260 31.88 24.48 0.99
C LEU B 260 33.03 25.45 1.18
N ARG B 261 34.13 25.03 1.79
CA ARG B 261 35.23 25.95 2.03
C ARG B 261 36.36 25.80 1.02
N ALA B 262 36.63 24.58 0.55
CA ALA B 262 37.59 24.38 -0.51
C ALA B 262 36.98 24.56 -1.90
N ASP B 263 35.65 24.56 -2.01
CA ASP B 263 34.94 24.78 -3.27
C ASP B 263 35.31 23.74 -4.32
N GLN B 264 35.40 22.48 -3.93
CA GLN B 264 35.71 21.41 -4.86
C GLN B 264 34.91 20.17 -4.51
N GLU B 265 35.16 19.11 -5.27
CA GLU B 265 34.50 17.83 -5.04
C GLU B 265 35.47 16.84 -4.39
N LEU B 266 35.02 16.21 -3.31
CA LEU B 266 35.86 15.32 -2.52
C LEU B 266 35.69 13.86 -2.89
N MET B 267 34.50 13.29 -2.83
CA MET B 267 34.37 11.87 -3.16
C MET B 267 33.23 11.55 -4.11
N THR B 268 33.44 10.44 -4.84
CA THR B 268 32.47 9.86 -5.76
C THR B 268 32.23 8.41 -5.37
N TYR B 269 30.98 8.07 -5.14
CA TYR B 269 30.59 6.72 -4.76
C TYR B 269 29.83 6.08 -5.91
N SER B 270 30.37 4.99 -6.45
CA SER B 270 29.82 4.32 -7.61
C SER B 270 30.40 2.92 -7.66
N HIS B 271 29.72 2.04 -8.42
CA HIS B 271 30.08 0.65 -8.49
C HIS B 271 29.70 0.11 -9.85
N ASP B 272 30.35 -0.97 -10.27
CA ASP B 272 30.18 -1.45 -11.64
C ASP B 272 28.94 -2.31 -11.81
N ASN B 273 28.28 -2.68 -10.73
CA ASN B 273 27.05 -3.47 -10.81
C ASN B 273 25.79 -2.62 -10.67
N ILE B 274 25.92 -1.30 -10.59
CA ILE B 274 24.80 -0.40 -10.36
C ILE B 274 24.56 0.42 -11.62
N ILE B 275 23.41 0.22 -12.27
CA ILE B 275 23.11 0.91 -13.52
C ILE B 275 21.76 1.60 -13.41
N CYS B 276 21.36 2.00 -12.20
CA CYS B 276 20.06 2.62 -12.00
C CYS B 276 20.21 3.93 -11.24
N GLY B 277 19.09 4.64 -11.09
CA GLY B 277 19.11 5.95 -10.48
C GLY B 277 19.07 5.91 -8.97
N ILE B 278 19.04 7.11 -8.37
CA ILE B 278 19.06 7.29 -6.93
C ILE B 278 17.84 8.12 -6.55
N THR B 279 17.14 7.72 -5.49
CA THR B 279 15.95 8.45 -5.10
C THR B 279 16.04 9.17 -3.75
N SER B 280 16.98 8.83 -2.88
CA SER B 280 17.07 9.49 -1.58
C SER B 280 18.48 9.36 -1.02
N VAL B 281 18.89 10.35 -0.24
CA VAL B 281 20.18 10.35 0.44
C VAL B 281 19.99 10.90 1.85
N SER B 282 20.64 10.27 2.84
CA SER B 282 20.59 10.72 4.22
C SER B 282 21.88 10.33 4.92
N PHE B 283 22.16 10.98 6.05
CA PHE B 283 23.37 10.76 6.82
C PHE B 283 23.04 10.12 8.16
N SER B 284 24.07 9.62 8.83
CA SER B 284 23.94 9.18 10.21
C SER B 284 24.46 10.24 11.17
N LYS B 285 24.26 9.99 12.46
CA LYS B 285 24.44 11.05 13.45
C LYS B 285 25.89 11.50 13.56
N SER B 286 26.82 10.55 13.62
CA SER B 286 28.22 10.90 13.77
C SER B 286 28.89 11.24 12.45
N GLY B 287 28.23 10.98 11.33
CA GLY B 287 28.81 11.26 10.03
C GLY B 287 29.65 10.15 9.45
N ARG B 288 29.39 8.90 9.80
CA ARG B 288 30.22 7.81 9.30
C ARG B 288 29.50 6.98 8.25
N LEU B 289 28.17 6.94 8.26
CA LEU B 289 27.43 6.16 7.29
C LEU B 289 26.61 7.06 6.36
N LEU B 290 26.50 6.63 5.11
CA LEU B 290 25.64 7.28 4.13
C LEU B 290 24.69 6.24 3.58
N LEU B 291 23.41 6.58 3.50
CA LEU B 291 22.39 5.64 3.06
C LEU B 291 21.83 6.10 1.73
N ALA B 292 21.53 5.14 0.85
CA ALA B 292 21.01 5.49 -0.45
C ALA B 292 19.92 4.51 -0.85
N GLY B 293 18.84 5.02 -1.41
CA GLY B 293 17.77 4.20 -1.93
C GLY B 293 17.80 4.18 -3.44
N TYR B 294 17.75 2.97 -4.01
CA TYR B 294 17.89 2.84 -5.45
C TYR B 294 16.60 2.33 -6.07
N ASP B 295 16.53 2.46 -7.39
CA ASP B 295 15.48 1.83 -8.18
C ASP B 295 15.67 0.33 -8.32
N ASP B 296 16.81 -0.21 -7.89
CA ASP B 296 17.08 -1.64 -7.88
C ASP B 296 16.26 -2.38 -6.84
N PHE B 297 15.29 -1.71 -6.22
CA PHE B 297 14.43 -2.26 -5.18
C PHE B 297 15.14 -2.50 -3.85
N ASN B 298 16.21 -1.77 -3.55
CA ASN B 298 16.90 -1.98 -2.30
C ASN B 298 17.48 -0.67 -1.77
N CYS B 299 18.10 -0.76 -0.60
CA CYS B 299 18.83 0.35 0.00
C CYS B 299 20.24 -0.13 0.33
N ASN B 300 21.20 0.75 0.09
CA ASN B 300 22.61 0.44 0.28
C ASN B 300 23.20 1.34 1.35
N VAL B 301 24.19 0.81 2.04
CA VAL B 301 24.82 1.48 3.18
C VAL B 301 26.31 1.58 2.91
N TRP B 302 26.78 2.81 2.75
CA TRP B 302 28.13 3.16 2.37
C TRP B 302 28.89 3.74 3.55
N ASP B 303 30.19 3.48 3.58
CA ASP B 303 31.09 4.13 4.52
C ASP B 303 31.49 5.47 3.92
N ALA B 304 31.46 6.52 4.73
CA ALA B 304 31.56 7.87 4.19
C ALA B 304 33.00 8.37 4.06
N LEU B 305 33.97 7.65 4.59
CA LEU B 305 35.36 8.10 4.50
C LEU B 305 36.29 7.15 3.75
N LYS B 306 35.78 6.01 3.29
CA LYS B 306 36.63 5.05 2.60
C LYS B 306 36.08 4.72 1.21
N ALA B 307 34.79 4.99 1.00
CA ALA B 307 34.09 4.81 -0.28
C ALA B 307 33.85 3.35 -0.62
N ASP B 308 33.72 2.49 0.39
CA ASP B 308 33.40 1.10 0.16
C ASP B 308 31.93 0.85 0.45
N ARG B 309 31.53 -0.42 0.42
CA ARG B 309 30.18 -0.80 0.79
C ARG B 309 30.20 -1.44 2.17
N ALA B 310 29.26 -1.05 3.01
CA ALA B 310 29.12 -1.68 4.31
C ALA B 310 27.99 -2.69 4.33
N GLY B 311 26.87 -2.41 3.66
CA GLY B 311 25.77 -3.36 3.79
C GLY B 311 24.59 -3.05 2.90
N VAL B 312 23.58 -3.91 3.02
CA VAL B 312 22.39 -3.89 2.19
C VAL B 312 21.16 -4.10 3.05
N LEU B 313 20.11 -3.35 2.77
CA LEU B 313 18.79 -3.57 3.35
C LEU B 313 17.84 -3.86 2.19
N ALA B 314 17.25 -5.05 2.21
CA ALA B 314 16.64 -5.61 1.00
C ALA B 314 15.26 -6.19 1.29
N GLY B 315 14.42 -5.42 1.98
CA GLY B 315 13.10 -5.86 2.33
C GLY B 315 11.97 -5.39 1.43
N HIS B 316 12.26 -4.75 0.31
CA HIS B 316 11.22 -4.18 -0.53
C HIS B 316 11.10 -4.91 -1.86
N ASP B 317 9.90 -4.89 -2.43
CA ASP B 317 9.62 -5.51 -3.71
C ASP B 317 9.36 -4.50 -4.83
N ASN B 318 9.66 -3.23 -4.59
CA ASN B 318 9.45 -2.18 -5.59
C ASN B 318 10.38 -1.03 -5.25
N ARG B 319 10.18 0.10 -5.93
CA ARG B 319 11.12 1.21 -5.81
C ARG B 319 11.08 1.83 -4.42
N VAL B 320 12.25 2.17 -3.90
CA VAL B 320 12.38 2.90 -2.66
C VAL B 320 12.33 4.39 -2.96
N SER B 321 11.37 5.09 -2.35
CA SER B 321 11.15 6.51 -2.64
C SER B 321 11.47 7.43 -1.48
N CYS B 322 11.41 6.97 -0.24
CA CYS B 322 11.56 7.85 0.92
C CYS B 322 12.50 7.24 1.95
N LEU B 323 13.32 8.08 2.56
CA LEU B 323 14.30 7.61 3.52
C LEU B 323 14.47 8.67 4.61
N GLY B 324 14.66 8.22 5.86
CA GLY B 324 14.87 9.17 6.94
C GLY B 324 15.56 8.56 8.15
N VAL B 325 16.26 9.41 8.89
CA VAL B 325 16.96 9.04 10.12
C VAL B 325 16.54 10.00 11.23
N THR B 326 16.42 9.49 12.45
CA THR B 326 15.92 10.26 13.58
C THR B 326 16.96 11.27 14.07
N ASP B 327 16.50 12.15 14.96
CA ASP B 327 17.38 13.18 15.52
C ASP B 327 18.21 12.65 16.69
N ASP B 328 17.85 11.50 17.26
CA ASP B 328 18.63 10.88 18.31
C ASP B 328 19.36 9.64 17.82
N GLY B 329 19.24 9.29 16.54
CA GLY B 329 20.04 8.25 15.93
C GLY B 329 19.70 6.83 16.29
N MET B 330 18.42 6.46 16.38
CA MET B 330 18.08 5.10 16.74
C MET B 330 17.51 4.26 15.60
N ALA B 331 16.82 4.86 14.63
CA ALA B 331 16.14 4.05 13.64
C ALA B 331 16.18 4.73 12.28
N VAL B 332 16.08 3.90 11.23
CA VAL B 332 16.04 4.37 9.84
C VAL B 332 14.72 3.92 9.25
N ALA B 333 13.99 4.84 8.62
CA ALA B 333 12.69 4.51 8.06
C ALA B 333 12.72 4.65 6.55
N THR B 334 12.12 3.67 5.89
CA THR B 334 12.07 3.63 4.42
C THR B 334 10.62 3.49 3.97
N GLY B 335 10.35 4.08 2.82
CA GLY B 335 9.03 3.99 2.21
C GLY B 335 9.15 3.76 0.72
N SER B 336 8.33 2.84 0.22
CA SER B 336 8.44 2.31 -1.13
C SER B 336 7.08 2.27 -1.78
N TRP B 337 7.07 2.05 -3.10
CA TRP B 337 5.85 2.12 -3.89
C TRP B 337 4.93 0.93 -3.68
N ASP B 338 5.23 0.06 -2.72
CA ASP B 338 4.39 -1.08 -2.41
C ASP B 338 3.34 -0.76 -1.35
N SER B 339 3.24 0.50 -0.93
CA SER B 339 2.32 1.00 0.09
C SER B 339 2.66 0.52 1.50
N PHE B 340 3.94 0.34 1.81
CA PHE B 340 4.37 0.00 3.15
C PHE B 340 5.56 0.85 3.55
N LEU B 341 5.62 1.20 4.83
CA LEU B 341 6.80 1.79 5.44
C LEU B 341 7.45 0.73 6.31
N LYS B 342 8.75 0.88 6.56
CA LYS B 342 9.45 -0.03 7.45
C LYS B 342 10.48 0.70 8.30
N ILE B 343 10.72 0.15 9.49
CA ILE B 343 11.65 0.71 10.45
C ILE B 343 12.77 -0.30 10.69
N TRP B 344 14.01 0.18 10.62
CA TRP B 344 15.20 -0.63 10.74
C TRP B 344 16.06 -0.14 11.89
N ASN B 345 16.65 -1.08 12.61
CA ASN B 345 17.54 -0.78 13.73
C ASN B 345 18.59 -1.87 13.87
N VAL C 1 -16.93 25.86 22.67
CA VAL C 1 -17.49 24.65 23.27
C VAL C 1 -18.57 25.03 24.27
N GLN C 2 -19.66 24.27 24.31
CA GLN C 2 -20.69 24.47 25.32
C GLN C 2 -21.51 23.19 25.49
N LEU C 3 -21.71 22.81 26.75
CA LEU C 3 -22.51 21.65 27.11
C LEU C 3 -23.55 22.09 28.12
N VAL C 4 -24.81 21.73 27.89
CA VAL C 4 -25.90 22.10 28.80
C VAL C 4 -26.70 20.86 29.13
N GLU C 5 -26.96 20.65 30.42
CA GLU C 5 -27.63 19.45 30.90
C GLU C 5 -29.03 19.81 31.38
N SER C 6 -29.90 18.81 31.45
CA SER C 6 -31.25 19.02 31.95
C SER C 6 -31.87 17.68 32.33
N GLY C 7 -32.99 17.78 33.06
CA GLY C 7 -33.78 16.62 33.44
C GLY C 7 -33.96 16.40 34.93
N GLY C 8 -33.41 17.26 35.77
CA GLY C 8 -33.41 17.05 37.20
C GLY C 8 -34.74 17.43 37.84
N GLY C 9 -34.71 17.52 39.17
CA GLY C 9 -35.88 17.89 39.94
C GLY C 9 -36.00 17.06 41.20
N LEU C 10 -37.24 16.89 41.65
CA LEU C 10 -37.58 16.19 42.88
C LEU C 10 -38.40 14.96 42.55
N VAL C 11 -38.05 13.83 43.15
CA VAL C 11 -38.90 12.64 43.04
C VAL C 11 -39.05 11.97 44.40
N GLN C 12 -40.15 11.23 44.55
CA GLN C 12 -40.45 10.42 45.73
C GLN C 12 -39.80 9.05 45.59
N PRO C 13 -39.64 8.28 46.67
CA PRO C 13 -38.91 7.01 46.54
C PRO C 13 -39.60 6.07 45.58
N GLY C 14 -38.79 5.20 44.96
CA GLY C 14 -39.27 4.48 43.81
C GLY C 14 -39.31 5.41 42.61
N GLY C 15 -40.04 4.99 41.59
CA GLY C 15 -40.05 5.80 40.39
C GLY C 15 -38.74 5.68 39.63
N SER C 16 -38.62 6.52 38.60
CA SER C 16 -37.46 6.46 37.73
C SER C 16 -37.36 7.77 36.96
N ARG C 17 -36.15 8.09 36.51
CA ARG C 17 -35.94 9.37 35.85
C ARG C 17 -34.95 9.22 34.71
N LYS C 18 -34.76 10.32 33.98
CA LYS C 18 -33.90 10.36 32.82
C LYS C 18 -33.27 11.75 32.72
N LEU C 19 -31.98 11.79 32.41
CA LEU C 19 -31.23 13.03 32.29
C LEU C 19 -30.60 13.10 30.91
N SER C 20 -30.58 14.30 30.34
CA SER C 20 -30.05 14.50 28.99
C SER C 20 -29.06 15.64 28.99
N CYS C 21 -28.10 15.58 28.06
CA CYS C 21 -27.11 16.63 27.89
C CYS C 21 -26.96 16.95 26.41
N SER C 22 -26.94 18.24 26.08
CA SER C 22 -26.90 18.73 24.71
C SER C 22 -25.57 19.46 24.47
N ALA C 23 -24.99 19.24 23.29
CA ALA C 23 -23.63 19.66 22.97
C ALA C 23 -23.63 20.67 21.83
N SER C 24 -22.64 21.57 21.86
CA SER C 24 -22.53 22.57 20.81
C SER C 24 -21.09 23.05 20.70
N GLY C 25 -20.64 23.22 19.47
CA GLY C 25 -19.36 23.87 19.25
C GLY C 25 -18.15 22.98 19.14
N PHE C 26 -18.32 21.67 19.01
CA PHE C 26 -17.19 20.78 18.78
C PHE C 26 -17.67 19.51 18.11
N ALA C 27 -16.73 18.62 17.83
CA ALA C 27 -16.99 17.36 17.13
C ALA C 27 -17.35 16.27 18.14
N PHE C 28 -18.66 16.12 18.35
CA PHE C 28 -19.16 15.24 19.40
C PHE C 28 -18.87 13.78 19.11
N SER C 29 -18.84 13.40 17.84
CA SER C 29 -18.69 12.00 17.48
C SER C 29 -17.27 11.48 17.69
N SER C 30 -16.32 12.34 18.03
CA SER C 30 -14.94 11.91 18.22
C SER C 30 -14.49 11.91 19.66
N PHE C 31 -15.38 12.11 20.61
CA PHE C 31 -15.04 12.25 22.02
C PHE C 31 -15.72 11.17 22.85
N GLY C 32 -15.14 10.89 24.02
CA GLY C 32 -15.81 10.07 25.01
C GLY C 32 -16.41 10.91 26.12
N MET C 33 -17.38 10.32 26.83
CA MET C 33 -18.13 11.09 27.80
C MET C 33 -18.17 10.41 29.16
N HIS C 34 -18.15 11.23 30.21
CA HIS C 34 -18.23 10.77 31.59
C HIS C 34 -19.35 11.48 32.33
N TRP C 35 -20.00 10.74 33.23
CA TRP C 35 -20.97 11.29 34.16
C TRP C 35 -20.40 11.25 35.57
N VAL C 36 -20.36 12.42 36.23
CA VAL C 36 -19.74 12.62 37.54
C VAL C 36 -20.78 13.22 38.49
N ARG C 37 -20.63 12.93 39.78
CA ARG C 37 -21.64 13.25 40.78
C ARG C 37 -21.03 13.97 41.96
N GLN C 38 -21.85 14.73 42.69
CA GLN C 38 -21.40 15.40 43.91
C GLN C 38 -22.50 15.40 44.96
N ALA C 39 -22.13 15.06 46.19
CA ALA C 39 -23.05 15.09 47.31
C ALA C 39 -23.34 16.54 47.71
N PRO C 40 -24.37 16.79 48.53
CA PRO C 40 -24.72 18.18 48.87
C PRO C 40 -23.58 18.99 49.48
N GLU C 41 -22.79 18.41 50.38
CA GLU C 41 -21.72 19.15 51.03
C GLU C 41 -20.46 18.30 51.20
N LYS C 42 -20.18 17.41 50.25
CA LYS C 42 -19.08 16.47 50.41
C LYS C 42 -18.29 16.31 49.12
N GLY C 43 -17.45 15.28 49.05
CA GLY C 43 -16.54 15.09 47.94
C GLY C 43 -17.21 14.53 46.70
N LEU C 44 -16.40 14.36 45.66
CA LEU C 44 -16.86 13.90 44.36
C LEU C 44 -16.82 12.38 44.28
N GLU C 45 -17.68 11.83 43.41
CA GLU C 45 -17.75 10.40 43.18
C GLU C 45 -18.16 10.15 41.73
N TRP C 46 -17.74 9.03 41.17
CA TRP C 46 -17.83 8.80 39.73
C TRP C 46 -18.94 7.80 39.40
N VAL C 47 -19.69 8.09 38.33
CA VAL C 47 -20.97 7.43 38.08
C VAL C 47 -20.95 6.59 36.80
N ALA C 48 -20.50 7.14 35.68
CA ALA C 48 -20.56 6.30 34.48
C ALA C 48 -19.58 6.77 33.42
N TYR C 49 -19.30 5.87 32.47
CA TYR C 49 -18.42 6.20 31.35
C TYR C 49 -18.88 5.52 30.07
N ILE C 50 -18.98 6.31 28.99
CA ILE C 50 -19.38 5.82 27.68
C ILE C 50 -18.36 6.31 26.66
N SER C 51 -18.08 5.47 25.65
CA SER C 51 -16.90 5.71 24.83
C SER C 51 -17.27 5.90 23.36
N SER C 52 -16.24 6.26 22.59
CA SER C 52 -16.42 6.53 21.17
C SER C 52 -16.80 5.25 20.42
N GLY C 53 -17.76 5.38 19.52
CA GLY C 53 -18.29 4.22 18.83
C GLY C 53 -19.25 3.39 19.65
N SER C 54 -19.57 3.81 20.87
CA SER C 54 -20.45 3.09 21.78
C SER C 54 -20.01 1.65 21.95
N GLY C 55 -18.70 1.42 22.07
CA GLY C 55 -18.19 0.07 22.16
C GLY C 55 -17.90 -0.43 23.56
N THR C 56 -17.47 0.46 24.46
CA THR C 56 -17.13 0.09 25.83
C THR C 56 -17.92 0.95 26.80
N ILE C 57 -18.54 0.31 27.79
CA ILE C 57 -19.41 0.96 28.75
C ILE C 57 -18.98 0.54 30.14
N TYR C 58 -18.75 1.49 31.04
CA TYR C 58 -18.30 1.16 32.39
C TYR C 58 -19.18 1.84 33.43
N TYR C 59 -19.59 1.05 34.43
CA TYR C 59 -20.38 1.54 35.55
C TYR C 59 -19.63 1.26 36.84
N ALA C 60 -20.13 1.83 37.93
CA ALA C 60 -19.49 1.64 39.22
C ALA C 60 -20.26 0.62 40.06
N ASP C 61 -19.79 0.42 41.29
CA ASP C 61 -20.36 -0.61 42.16
C ASP C 61 -21.74 -0.27 42.68
N THR C 62 -21.96 0.96 43.17
CA THR C 62 -23.27 1.38 43.70
C THR C 62 -24.18 1.85 42.56
N VAL C 63 -23.89 1.47 41.34
CA VAL C 63 -24.66 1.86 40.17
C VAL C 63 -25.10 0.60 39.41
N LYS C 64 -24.18 -0.34 39.20
CA LYS C 64 -24.31 -1.38 38.18
C LYS C 64 -25.59 -2.18 38.25
N GLY C 65 -26.22 -2.37 37.10
CA GLY C 65 -27.46 -3.11 37.01
C GLY C 65 -28.70 -2.32 37.37
N ARG C 66 -28.54 -1.04 37.69
CA ARG C 66 -29.65 -0.19 38.05
C ARG C 66 -29.72 1.09 37.22
N PHE C 67 -28.61 1.48 36.59
CA PHE C 67 -28.54 2.66 35.75
C PHE C 67 -28.13 2.26 34.35
N THR C 68 -28.47 3.08 33.37
CA THR C 68 -28.11 2.81 31.97
C THR C 68 -27.66 4.11 31.30
N ILE C 69 -26.72 4.02 30.38
CA ILE C 69 -26.15 5.18 29.71
C ILE C 69 -26.27 4.97 28.20
N SER C 70 -26.48 6.06 27.46
CA SER C 70 -26.63 5.95 26.02
C SER C 70 -26.27 7.28 25.36
N ARG C 71 -26.05 7.24 24.05
CA ARG C 71 -25.74 8.44 23.29
C ARG C 71 -26.45 8.39 21.94
N ASP C 72 -26.66 9.58 21.36
CA ASP C 72 -27.22 9.73 20.03
C ASP C 72 -26.37 10.76 19.30
N ASP C 73 -25.71 10.32 18.23
CA ASP C 73 -24.74 11.18 17.54
C ASP C 73 -25.37 12.22 16.63
N PRO C 74 -26.25 11.88 15.67
CA PRO C 74 -26.76 12.92 14.76
C PRO C 74 -27.47 14.06 15.46
N LYS C 75 -28.17 13.81 16.56
CA LYS C 75 -28.80 14.86 17.32
C LYS C 75 -27.91 15.38 18.44
N ASN C 76 -26.73 14.78 18.65
CA ASN C 76 -25.76 15.23 19.64
C ASN C 76 -26.37 15.32 21.04
N THR C 77 -26.77 14.17 21.59
CA THR C 77 -27.36 14.14 22.93
C THR C 77 -26.84 12.93 23.70
N LEU C 78 -26.67 13.11 25.01
CA LEU C 78 -26.22 12.04 25.89
C LEU C 78 -27.25 11.80 26.99
N PHE C 79 -27.64 10.54 27.18
CA PHE C 79 -28.72 10.16 28.10
C PHE C 79 -28.20 9.28 29.22
N LEU C 80 -28.78 9.48 30.41
CA LEU C 80 -28.61 8.58 31.54
C LEU C 80 -29.97 8.27 32.13
N GLN C 81 -30.33 6.99 32.19
CA GLN C 81 -31.62 6.56 32.69
C GLN C 81 -31.44 5.85 34.04
N MET C 82 -32.23 6.27 35.03
CA MET C 82 -32.07 5.84 36.41
C MET C 82 -33.35 5.19 36.89
N THR C 83 -33.20 4.05 37.60
CA THR C 83 -34.33 3.26 38.06
C THR C 83 -34.25 3.01 39.57
N SER C 84 -35.39 3.10 40.24
CA SER C 84 -35.53 2.73 41.66
C SER C 84 -34.56 3.52 42.55
N LEU C 85 -34.78 4.83 42.59
CA LEU C 85 -33.88 5.71 43.33
C LEU C 85 -34.08 5.55 44.83
N ARG C 86 -33.04 5.93 45.59
CA ARG C 86 -33.00 5.78 47.03
C ARG C 86 -32.70 7.11 47.69
N SER C 87 -32.47 7.08 49.01
CA SER C 87 -32.19 8.30 49.75
C SER C 87 -30.76 8.77 49.55
N GLU C 88 -29.83 7.86 49.27
CA GLU C 88 -28.43 8.26 49.16
C GLU C 88 -28.08 8.78 47.78
N ASP C 89 -29.06 9.01 46.92
CA ASP C 89 -28.80 9.52 45.57
C ASP C 89 -28.99 11.01 45.44
N THR C 90 -29.43 11.70 46.50
CA THR C 90 -29.66 13.13 46.42
C THR C 90 -28.34 13.85 46.17
N ALA C 91 -28.22 14.52 45.03
CA ALA C 91 -26.92 14.97 44.60
C ALA C 91 -27.07 15.88 43.39
N MET C 92 -25.93 16.43 42.96
CA MET C 92 -25.88 17.26 41.77
C MET C 92 -24.87 16.70 40.78
N TYR C 93 -25.27 16.69 39.51
CA TYR C 93 -24.64 15.89 38.48
C TYR C 93 -23.97 16.77 37.43
N TYR C 94 -22.86 16.28 36.91
CA TYR C 94 -22.01 16.99 35.97
C TYR C 94 -21.65 16.07 34.81
N CYS C 95 -21.46 16.68 33.65
CA CYS C 95 -21.08 16.00 32.42
C CYS C 95 -19.68 16.44 32.01
N VAL C 96 -18.82 15.50 31.63
CA VAL C 96 -17.43 15.81 31.39
C VAL C 96 -16.95 15.16 30.10
N ARG C 97 -16.11 15.90 29.38
CA ARG C 97 -15.60 15.55 28.07
C ARG C 97 -14.28 14.80 28.20
N SER C 98 -13.94 13.99 27.19
CA SER C 98 -12.66 13.29 27.25
C SER C 98 -12.20 12.83 25.87
N ILE C 99 -10.90 12.62 25.74
CA ILE C 99 -10.27 12.10 24.53
C ILE C 99 -8.98 11.38 24.91
N TYR C 100 -8.56 10.41 24.10
CA TYR C 100 -7.36 9.64 24.37
C TYR C 100 -6.56 9.43 23.08
N TYR C 101 -5.46 10.14 22.95
CA TYR C 101 -4.43 9.87 21.95
C TYR C 101 -3.13 10.42 22.47
N TYR C 102 -2.03 9.99 21.87
CA TYR C 102 -0.72 10.34 22.39
C TYR C 102 -0.53 11.86 22.44
N GLY C 103 -0.47 12.40 23.64
CA GLY C 103 -0.26 13.81 23.84
C GLY C 103 -1.50 14.61 24.17
N SER C 104 -2.61 13.96 24.48
CA SER C 104 -3.88 14.63 24.65
C SER C 104 -4.02 15.20 26.07
N SER C 105 -5.18 15.79 26.32
CA SER C 105 -5.50 16.45 27.58
C SER C 105 -6.86 16.02 28.08
N PRO C 106 -6.95 14.86 28.73
CA PRO C 106 -8.24 14.40 29.23
C PRO C 106 -8.85 15.33 30.26
N PHE C 107 -10.19 15.33 30.30
CA PHE C 107 -10.97 16.11 31.26
C PHE C 107 -10.78 17.62 31.07
N ASP C 108 -11.08 18.12 29.87
CA ASP C 108 -10.78 19.50 29.53
C ASP C 108 -11.98 20.43 29.48
N PHE C 109 -13.19 19.94 29.74
CA PHE C 109 -14.36 20.83 29.79
C PHE C 109 -15.41 20.20 30.67
N TRP C 110 -16.05 21.02 31.50
CA TRP C 110 -17.09 20.56 32.41
C TRP C 110 -18.36 21.33 32.11
N GLY C 111 -19.49 20.69 32.30
CA GLY C 111 -20.78 21.31 32.08
C GLY C 111 -21.14 22.18 33.25
N GLN C 112 -22.45 22.28 33.50
CA GLN C 112 -22.95 23.06 34.62
C GLN C 112 -23.93 22.31 35.51
N GLY C 113 -24.27 21.09 35.16
CA GLY C 113 -24.86 20.14 36.09
C GLY C 113 -26.30 20.44 36.48
N THR C 114 -26.96 19.41 36.97
CA THR C 114 -28.36 19.48 37.36
C THR C 114 -28.51 18.99 38.79
N THR C 115 -29.61 19.38 39.42
CA THR C 115 -29.90 19.02 40.80
C THR C 115 -30.97 17.93 40.83
N LEU C 116 -30.75 16.90 41.65
CA LEU C 116 -31.72 15.84 41.83
C LEU C 116 -31.88 15.56 43.32
N THR C 117 -33.12 15.62 43.80
CA THR C 117 -33.40 15.34 45.21
C THR C 117 -34.49 14.27 45.32
N VAL C 118 -34.34 13.45 46.35
CA VAL C 118 -35.28 12.38 46.67
C VAL C 118 -35.70 12.53 48.12
N SER C 119 -37.00 12.59 48.36
CA SER C 119 -37.52 12.68 49.72
C SER C 119 -37.25 11.39 50.48
N SER C 135 -11.24 -5.30 49.01
CA SER C 135 -11.39 -4.19 48.07
C SER C 135 -10.06 -3.84 47.42
N ALA C 136 -9.99 -4.03 46.10
CA ALA C 136 -8.82 -3.68 45.32
C ALA C 136 -8.86 -2.23 44.86
N ASP C 137 -9.87 -1.46 45.27
CA ASP C 137 -9.95 -0.06 44.91
C ASP C 137 -8.77 0.71 45.48
N ILE C 138 -8.25 1.64 44.68
CA ILE C 138 -7.12 2.46 45.09
C ILE C 138 -7.64 3.64 45.89
N VAL C 139 -7.03 3.89 47.04
CA VAL C 139 -7.53 4.88 47.99
C VAL C 139 -6.59 6.09 47.95
N MET C 140 -7.17 7.27 48.11
CA MET C 140 -6.42 8.52 48.18
C MET C 140 -6.75 9.26 49.47
N THR C 141 -5.75 9.93 50.03
CA THR C 141 -5.90 10.65 51.29
C THR C 141 -5.43 12.08 51.13
N GLN C 142 -6.31 13.02 51.46
CA GLN C 142 -5.99 14.44 51.50
C GLN C 142 -5.50 14.80 52.89
N ALA C 143 -4.36 15.50 52.94
CA ALA C 143 -3.69 15.70 54.22
C ALA C 143 -4.53 16.50 55.20
N THR C 144 -5.01 17.67 54.79
CA THR C 144 -5.67 18.57 55.73
C THR C 144 -7.01 18.99 55.16
N SER C 145 -7.92 19.39 56.05
CA SER C 145 -9.22 19.85 55.61
C SER C 145 -9.24 21.34 55.30
N SER C 146 -8.33 22.11 55.87
CA SER C 146 -8.28 23.55 55.61
C SER C 146 -6.87 24.05 55.87
N VAL C 147 -6.54 25.16 55.21
CA VAL C 147 -5.24 25.80 55.35
C VAL C 147 -5.43 27.31 55.33
N PRO C 148 -5.06 28.04 56.38
CA PRO C 148 -5.11 29.50 56.31
C PRO C 148 -3.92 30.05 55.52
N VAL C 149 -4.21 30.97 54.61
CA VAL C 149 -3.20 31.50 53.70
C VAL C 149 -3.29 33.03 53.66
N THR C 150 -2.20 33.64 53.19
CA THR C 150 -2.06 35.09 53.11
C THR C 150 -1.82 35.52 51.68
N PRO C 151 -2.50 36.55 51.19
CA PRO C 151 -2.22 37.04 49.83
C PRO C 151 -0.76 37.46 49.69
N GLY C 152 -0.18 37.13 48.54
CA GLY C 152 1.20 37.46 48.26
C GLY C 152 2.21 36.39 48.63
N GLU C 153 1.81 35.37 49.37
CA GLU C 153 2.71 34.32 49.79
C GLU C 153 2.42 33.01 49.07
N SER C 154 3.43 32.14 49.00
CA SER C 154 3.29 30.86 48.33
C SER C 154 2.60 29.84 49.22
N VAL C 155 1.98 28.84 48.59
CA VAL C 155 1.26 27.78 49.28
C VAL C 155 1.60 26.44 48.64
N SER C 156 1.57 25.38 49.44
CA SER C 156 1.83 24.04 48.93
C SER C 156 0.86 23.06 49.58
N ILE C 157 0.31 22.17 48.77
CA ILE C 157 -0.66 21.17 49.22
C ILE C 157 -0.18 19.80 48.79
N SER C 158 -0.70 18.76 49.43
CA SER C 158 -0.19 17.42 49.15
C SER C 158 -1.27 16.38 49.39
N CYS C 159 -1.16 15.28 48.65
CA CYS C 159 -2.02 14.13 48.91
C CYS C 159 -1.25 12.83 48.67
N ARG C 160 -1.75 11.76 49.28
CA ARG C 160 -1.06 10.49 49.36
C ARG C 160 -1.93 9.38 48.79
N SER C 161 -1.26 8.32 48.33
CA SER C 161 -1.91 7.25 47.61
C SER C 161 -1.53 5.90 48.22
N SER C 162 -2.27 4.86 47.81
CA SER C 162 -2.05 3.54 48.37
C SER C 162 -1.38 2.58 47.39
N LYS C 163 -0.91 3.08 46.25
CA LYS C 163 -0.14 2.28 45.31
C LYS C 163 0.76 3.19 44.48
N SER C 164 1.73 2.58 43.82
CA SER C 164 2.61 3.32 42.93
C SER C 164 1.95 3.53 41.58
N LEU C 165 1.96 4.78 41.11
CA LEU C 165 1.27 5.16 39.89
C LEU C 165 2.22 5.28 38.69
N LEU C 166 3.47 4.87 38.85
CA LEU C 166 4.45 4.97 37.77
C LEU C 166 4.44 3.67 37.00
N HIS C 167 3.74 3.66 35.87
CA HIS C 167 3.62 2.46 35.06
C HIS C 167 4.96 2.23 34.34
N SER C 168 5.07 1.08 33.69
CA SER C 168 6.33 0.69 33.08
C SER C 168 6.74 1.60 31.93
N ASN C 169 5.82 2.40 31.40
CA ASN C 169 6.11 3.24 30.25
C ASN C 169 6.43 4.68 30.61
N GLY C 170 6.73 4.97 31.88
CA GLY C 170 7.29 6.25 32.26
C GLY C 170 6.28 7.31 32.62
N ASN C 171 4.99 7.05 32.48
CA ASN C 171 3.97 8.03 32.81
C ASN C 171 3.62 7.96 34.29
N THR C 172 3.00 9.02 34.80
CA THR C 172 2.37 9.01 36.11
C THR C 172 1.00 9.64 36.01
N TYR C 173 -0.03 8.92 36.45
CA TYR C 173 -1.41 9.32 36.23
C TYR C 173 -2.01 9.91 37.51
N LEU C 174 -1.79 11.21 37.70
CA LEU C 174 -2.42 11.96 38.77
C LEU C 174 -2.92 13.28 38.22
N TYR C 175 -4.06 13.75 38.70
CA TYR C 175 -4.71 14.95 38.17
C TYR C 175 -5.06 15.91 39.30
N TRP C 176 -5.08 17.21 38.98
CA TRP C 176 -5.39 18.27 39.94
C TRP C 176 -6.41 19.24 39.37
N PHE C 177 -7.54 19.39 40.09
CA PHE C 177 -8.68 20.24 39.75
C PHE C 177 -8.93 21.30 40.82
N LEU C 178 -9.65 22.35 40.43
CA LEU C 178 -9.94 23.51 41.28
C LEU C 178 -11.41 23.89 41.14
N GLN C 179 -12.02 24.33 42.23
CA GLN C 179 -13.44 24.70 42.24
C GLN C 179 -13.64 25.96 43.06
N ARG C 180 -13.90 27.06 42.37
CA ARG C 180 -14.26 28.32 43.00
C ARG C 180 -15.66 28.21 43.59
N PRO C 181 -16.02 29.10 44.52
CA PRO C 181 -17.35 28.99 45.12
C PRO C 181 -18.40 29.37 44.08
N GLY C 182 -19.28 28.42 43.78
CA GLY C 182 -20.42 28.69 42.94
C GLY C 182 -20.23 28.42 41.46
N GLN C 183 -19.47 27.41 41.08
CA GLN C 183 -19.34 27.05 39.67
C GLN C 183 -18.66 25.69 39.53
N SER C 184 -18.59 25.23 38.29
CA SER C 184 -18.06 23.90 38.01
C SER C 184 -16.55 23.92 37.94
N PRO C 185 -15.88 22.82 38.29
CA PRO C 185 -14.41 22.83 38.35
C PRO C 185 -13.76 22.85 36.98
N GLN C 186 -12.49 23.23 36.97
CA GLN C 186 -11.70 23.35 35.76
C GLN C 186 -10.31 22.79 36.01
N LEU C 187 -9.71 22.25 34.96
CA LEU C 187 -8.49 21.47 35.13
C LEU C 187 -7.29 22.38 35.31
N LEU C 188 -6.41 21.99 36.21
CA LEU C 188 -5.15 22.69 36.45
C LEU C 188 -3.95 21.89 35.98
N ILE C 189 -3.79 20.64 36.44
CA ILE C 189 -2.59 19.88 36.14
C ILE C 189 -2.95 18.45 35.76
N TYR C 190 -2.35 17.94 34.68
CA TYR C 190 -2.55 16.56 34.26
C TYR C 190 -1.22 15.84 34.10
N ARG C 191 -1.24 14.57 34.50
CA ARG C 191 -0.06 13.69 34.44
C ARG C 191 1.08 14.21 35.29
N MET C 192 0.73 14.89 36.37
CA MET C 192 1.63 15.20 37.49
C MET C 192 2.65 16.29 37.19
N SER C 193 2.83 16.68 35.93
CA SER C 193 3.84 17.69 35.65
C SER C 193 3.45 18.68 34.57
N ASN C 194 2.23 18.60 34.04
CA ASN C 194 1.86 19.37 32.86
C ASN C 194 0.78 20.38 33.16
N LEU C 195 0.80 21.50 32.44
CA LEU C 195 -0.19 22.55 32.60
C LEU C 195 -1.24 22.49 31.50
N ALA C 196 -2.48 22.76 31.86
CA ALA C 196 -3.55 22.78 30.89
C ALA C 196 -3.68 24.16 30.26
N SER C 197 -4.35 24.21 29.11
CA SER C 197 -4.48 25.47 28.39
C SER C 197 -5.43 26.41 29.10
N GLY C 198 -5.01 27.65 29.28
CA GLY C 198 -5.78 28.64 30.00
C GLY C 198 -5.37 28.85 31.43
N VAL C 199 -4.40 28.09 31.93
CA VAL C 199 -3.98 28.23 33.33
C VAL C 199 -2.79 29.17 33.40
N PRO C 200 -2.80 30.15 34.31
CA PRO C 200 -1.64 31.05 34.44
C PRO C 200 -0.38 30.29 34.83
N ASP C 201 0.75 30.81 34.38
CA ASP C 201 2.03 30.11 34.53
C ASP C 201 2.65 30.37 35.90
N ARG C 202 1.92 30.00 36.94
CA ARG C 202 2.41 30.06 38.30
C ARG C 202 2.05 28.85 39.15
N PHE C 203 1.34 27.88 38.58
CA PHE C 203 1.01 26.63 39.26
C PHE C 203 2.03 25.57 38.88
N SER C 204 2.34 24.67 39.80
CA SER C 204 3.30 23.61 39.49
C SER C 204 2.97 22.39 40.34
N GLY C 205 3.54 21.26 39.93
CA GLY C 205 3.30 20.02 40.65
C GLY C 205 4.49 19.10 40.52
N SER C 206 4.63 18.22 41.52
CA SER C 206 5.73 17.27 41.55
C SER C 206 5.38 16.15 42.52
N GLY C 207 6.31 15.21 42.65
CA GLY C 207 6.13 14.13 43.61
C GLY C 207 6.95 12.92 43.21
N SER C 208 6.61 11.81 43.83
CA SER C 208 7.22 10.52 43.52
C SER C 208 6.17 9.45 43.74
N GLY C 209 6.51 8.21 43.41
CA GLY C 209 5.56 7.12 43.63
C GLY C 209 5.09 7.09 45.06
N THR C 210 3.78 7.26 45.24
CA THR C 210 3.05 7.31 46.50
C THR C 210 3.32 8.56 47.33
N ALA C 211 3.51 9.73 46.71
CA ALA C 211 3.47 11.00 47.42
C ALA C 211 3.39 12.12 46.38
N PHE C 212 2.47 13.07 46.55
CA PHE C 212 2.32 14.10 45.53
C PHE C 212 2.08 15.46 46.16
N THR C 213 2.66 16.49 45.54
CA THR C 213 2.64 17.85 46.06
C THR C 213 2.38 18.83 44.91
N LEU C 214 1.66 19.90 45.23
CA LEU C 214 1.36 20.98 44.29
C LEU C 214 1.75 22.29 44.93
N THR C 215 2.21 23.23 44.11
CA THR C 215 2.77 24.50 44.57
C THR C 215 2.15 25.66 43.81
N ILE C 216 1.72 26.67 44.56
CA ILE C 216 1.24 27.94 44.02
C ILE C 216 2.18 29.02 44.51
N SER C 217 2.71 29.82 43.60
CA SER C 217 3.57 30.95 43.96
C SER C 217 2.80 32.24 43.75
N ARG C 218 2.92 33.16 44.71
CA ARG C 218 2.31 34.49 44.62
C ARG C 218 0.80 34.45 44.46
N LEU C 219 0.09 34.03 45.50
CA LEU C 219 -1.37 33.97 45.47
C LEU C 219 -1.97 35.30 45.05
N GLU C 220 -3.21 35.25 44.56
CA GLU C 220 -3.95 36.42 44.14
C GLU C 220 -5.39 36.31 44.62
N ALA C 221 -6.23 37.20 44.11
CA ALA C 221 -7.67 37.03 44.27
C ALA C 221 -8.18 36.00 43.26
N GLU C 222 -9.41 35.54 43.46
CA GLU C 222 -10.06 34.54 42.62
C GLU C 222 -9.31 33.22 42.59
N ASP C 223 -8.33 33.03 43.47
CA ASP C 223 -7.63 31.76 43.61
C ASP C 223 -8.12 30.98 44.82
N VAL C 224 -9.21 31.42 45.44
CA VAL C 224 -9.80 30.77 46.59
C VAL C 224 -10.78 29.72 46.09
N GLY C 225 -10.89 28.61 46.81
CA GLY C 225 -11.79 27.54 46.41
C GLY C 225 -11.43 26.26 47.12
N VAL C 226 -11.74 25.14 46.46
CA VAL C 226 -11.44 23.81 46.96
C VAL C 226 -10.68 23.05 45.88
N TYR C 227 -9.69 22.27 46.29
CA TYR C 227 -8.77 21.59 45.39
C TYR C 227 -8.96 20.09 45.47
N TYR C 228 -8.84 19.41 44.34
CA TYR C 228 -9.11 17.98 44.25
C TYR C 228 -7.99 17.27 43.49
N CYS C 229 -7.66 16.05 43.95
CA CYS C 229 -6.66 15.23 43.28
C CYS C 229 -7.25 13.87 42.90
N MET C 230 -7.05 13.49 41.64
CA MET C 230 -7.69 12.35 41.00
C MET C 230 -6.65 11.33 40.58
N GLN C 231 -7.05 10.06 40.50
CA GLN C 231 -6.24 9.01 39.92
C GLN C 231 -6.90 8.48 38.66
N HIS C 232 -6.10 8.01 37.72
CA HIS C 232 -6.63 7.42 36.49
C HIS C 232 -5.82 6.21 36.07
N LEU C 233 -5.45 5.33 37.01
CA LEU C 233 -4.68 4.15 36.65
C LEU C 233 -5.56 2.96 36.28
N GLU C 234 -6.69 2.78 36.96
CA GLU C 234 -7.63 1.73 36.62
C GLU C 234 -8.98 2.06 37.22
N TYR C 235 -10.04 1.65 36.53
CA TYR C 235 -11.40 1.87 36.98
C TYR C 235 -11.73 0.98 38.18
N PRO C 236 -12.48 1.49 39.18
CA PRO C 236 -13.07 2.82 39.33
C PRO C 236 -12.08 3.91 39.70
N LEU C 237 -12.44 5.15 39.42
CA LEU C 237 -11.62 6.29 39.77
C LEU C 237 -12.04 6.80 41.15
N THR C 238 -11.05 7.23 41.93
CA THR C 238 -11.32 7.67 43.29
C THR C 238 -10.77 9.07 43.51
N PHE C 239 -11.50 9.83 44.32
CA PHE C 239 -11.20 11.22 44.62
C PHE C 239 -10.67 11.36 46.04
N GLY C 240 -10.24 12.56 46.37
CA GLY C 240 -9.87 12.89 47.73
C GLY C 240 -10.88 13.79 48.41
N ALA C 241 -10.65 14.00 49.71
CA ALA C 241 -11.64 14.71 50.52
C ALA C 241 -11.71 16.19 50.14
N GLY C 242 -10.56 16.81 49.88
CA GLY C 242 -10.54 18.21 49.47
C GLY C 242 -9.94 19.17 50.48
N THR C 243 -9.17 20.14 50.01
CA THR C 243 -8.56 21.16 50.85
C THR C 243 -9.12 22.53 50.49
N LYS C 244 -9.53 23.28 51.49
CA LYS C 244 -10.12 24.60 51.26
C LYS C 244 -9.18 25.68 51.76
N LEU C 245 -8.85 26.63 50.90
CA LEU C 245 -8.07 27.78 51.30
C LEU C 245 -9.02 28.91 51.69
N GLU C 246 -8.82 29.46 52.88
CA GLU C 246 -9.70 30.48 53.44
C GLU C 246 -9.01 31.83 53.31
N LEU C 247 -9.49 32.65 52.38
CA LEU C 247 -8.91 33.96 52.13
C LEU C 247 -9.77 35.06 52.72
N THR D 6 18.37 45.08 -26.04
CA THR D 6 19.29 45.29 -24.94
C THR D 6 19.14 44.20 -23.87
N ALA D 7 18.29 43.22 -24.17
CA ALA D 7 18.11 42.09 -23.26
C ALA D 7 19.38 41.28 -23.13
N SER D 8 20.07 41.03 -24.24
CA SER D 8 21.32 40.29 -24.20
C SER D 8 22.38 41.02 -23.38
N ILE D 9 22.45 42.34 -23.51
CA ILE D 9 23.38 43.13 -22.72
C ILE D 9 23.08 42.99 -21.23
N ALA D 10 21.79 43.07 -20.87
CA ALA D 10 21.42 42.94 -19.47
C ALA D 10 21.76 41.56 -18.93
N GLN D 11 21.48 40.51 -19.70
CA GLN D 11 21.81 39.16 -19.27
C GLN D 11 23.30 38.97 -19.09
N ALA D 12 24.09 39.45 -20.06
CA ALA D 12 25.54 39.33 -19.95
C ALA D 12 26.07 40.11 -18.75
N ARG D 13 25.53 41.31 -18.51
CA ARG D 13 25.97 42.11 -17.38
C ARG D 13 25.63 41.43 -16.06
N LYS D 14 24.44 40.85 -15.95
CA LYS D 14 24.06 40.13 -14.75
C LYS D 14 24.98 38.93 -14.52
N LEU D 15 25.27 38.18 -15.58
CA LEU D 15 26.18 37.04 -15.45
C LEU D 15 27.57 37.51 -15.02
N VAL D 16 28.06 38.60 -15.60
CA VAL D 16 29.38 39.11 -15.26
C VAL D 16 29.42 39.57 -13.80
N GLU D 17 28.36 40.24 -13.35
CA GLU D 17 28.31 40.68 -11.96
C GLU D 17 28.27 39.49 -11.01
N GLN D 18 27.50 38.46 -11.34
CA GLN D 18 27.48 37.27 -10.50
C GLN D 18 28.85 36.59 -10.45
N LEU D 19 29.52 36.50 -11.59
CA LEU D 19 30.85 35.90 -11.62
C LEU D 19 31.84 36.72 -10.80
N LYS D 20 31.75 38.06 -10.90
CA LYS D 20 32.62 38.91 -10.11
C LYS D 20 32.39 38.72 -8.62
N MET D 21 31.12 38.64 -8.21
CA MET D 21 30.82 38.45 -6.79
C MET D 21 31.31 37.09 -6.31
N GLU D 22 31.21 36.07 -7.17
CA GLU D 22 31.70 34.76 -6.78
C GLU D 22 33.23 34.68 -6.79
N ALA D 23 33.90 35.59 -7.50
CA ALA D 23 35.33 35.46 -7.70
C ALA D 23 36.12 35.76 -6.43
N ASN D 24 35.70 36.77 -5.67
CA ASN D 24 36.50 37.30 -4.55
C ASN D 24 36.15 36.60 -3.23
N ILE D 25 36.53 35.34 -3.13
CA ILE D 25 36.24 34.51 -1.97
C ILE D 25 37.50 33.76 -1.57
N ASP D 26 37.82 33.78 -0.28
CA ASP D 26 38.98 33.06 0.22
C ASP D 26 38.73 31.56 0.19
N ARG D 27 39.81 30.79 0.19
CA ARG D 27 39.76 29.34 0.11
C ARG D 27 40.82 28.74 1.02
N ILE D 28 40.67 27.44 1.29
CA ILE D 28 41.62 26.66 2.09
C ILE D 28 41.98 25.40 1.33
N LYS D 29 43.03 24.74 1.78
CA LYS D 29 43.50 23.53 1.13
C LYS D 29 42.58 22.37 1.44
N VAL D 30 42.62 21.35 0.58
CA VAL D 30 41.74 20.19 0.78
C VAL D 30 42.17 19.36 1.97
N SER D 31 43.47 19.34 2.27
CA SER D 31 43.97 18.50 3.36
C SER D 31 43.43 18.95 4.71
N LYS D 32 43.38 20.26 4.95
CA LYS D 32 42.84 20.77 6.21
C LYS D 32 41.37 20.39 6.37
N ALA D 33 40.58 20.51 5.30
CA ALA D 33 39.18 20.14 5.35
C ALA D 33 39.00 18.66 5.63
N ALA D 34 39.78 17.82 4.95
CA ALA D 34 39.69 16.38 5.20
C ALA D 34 40.03 16.04 6.64
N ALA D 35 41.09 16.66 7.17
CA ALA D 35 41.47 16.40 8.56
C ALA D 35 40.37 16.81 9.51
N ASP D 36 39.75 17.98 9.28
CA ASP D 36 38.67 18.40 10.15
C ASP D 36 37.50 17.43 10.10
N LEU D 37 37.15 16.97 8.90
CA LEU D 37 36.00 16.07 8.75
C LEU D 37 36.25 14.76 9.49
N MET D 38 37.44 14.19 9.32
CA MET D 38 37.74 12.94 10.01
C MET D 38 37.81 13.12 11.52
N ALA D 39 38.31 14.27 12.00
CA ALA D 39 38.33 14.51 13.42
C ALA D 39 36.92 14.55 14.01
N TYR D 40 36.02 15.27 13.35
CA TYR D 40 34.64 15.28 13.83
C TYR D 40 34.04 13.89 13.82
N CYS D 41 34.31 13.12 12.76
CA CYS D 41 33.73 11.79 12.68
C CYS D 41 34.22 10.90 13.81
N GLU D 42 35.49 11.03 14.19
CA GLU D 42 36.02 10.20 15.27
C GLU D 42 35.49 10.62 16.63
N ALA D 43 35.46 11.93 16.91
CA ALA D 43 35.23 12.38 18.28
C ALA D 43 33.83 12.03 18.78
N HIS D 44 32.89 11.76 17.87
CA HIS D 44 31.52 11.42 18.26
C HIS D 44 31.19 9.96 18.01
N ALA D 45 32.18 9.08 17.94
CA ALA D 45 31.92 7.69 17.57
C ALA D 45 31.08 6.97 18.61
N LYS D 46 31.33 7.26 19.89
CA LYS D 46 30.72 6.48 20.97
C LYS D 46 29.23 6.74 21.14
N GLU D 47 28.68 7.78 20.51
CA GLU D 47 27.27 8.14 20.68
C GLU D 47 26.40 7.78 19.48
N ASP D 48 26.88 6.93 18.58
CA ASP D 48 26.15 6.61 17.37
C ASP D 48 25.58 5.21 17.47
N PRO D 49 24.27 5.05 17.70
CA PRO D 49 23.72 3.70 17.88
C PRO D 49 23.68 2.84 16.63
N LEU D 50 23.61 3.42 15.43
CA LEU D 50 23.62 2.58 14.23
C LEU D 50 24.99 1.99 13.95
N LEU D 51 26.05 2.76 14.15
CA LEU D 51 27.40 2.26 13.99
C LEU D 51 27.81 1.33 15.13
N THR D 52 27.51 1.71 16.37
CA THR D 52 27.85 0.90 17.55
C THR D 52 26.56 0.54 18.28
N PRO D 53 26.08 -0.69 18.16
CA PRO D 53 24.77 -1.03 18.73
C PRO D 53 24.74 -0.93 20.25
N VAL D 54 23.52 -0.76 20.77
CA VAL D 54 23.29 -0.59 22.20
C VAL D 54 22.78 -1.91 22.79
N PRO D 55 22.93 -2.13 24.09
CA PRO D 55 22.35 -3.33 24.71
C PRO D 55 20.84 -3.34 24.58
N ALA D 56 20.25 -4.54 24.67
CA ALA D 56 18.83 -4.68 24.41
C ALA D 56 17.97 -4.00 25.48
N SER D 57 18.58 -3.57 26.58
CA SER D 57 17.82 -2.91 27.64
C SER D 57 17.44 -1.47 27.28
N GLU D 58 18.26 -0.81 26.47
CA GLU D 58 18.02 0.59 26.11
C GLU D 58 17.43 0.76 24.71
N ASN D 59 17.04 -0.33 24.07
CA ASN D 59 16.46 -0.29 22.73
C ASN D 59 14.96 -0.06 22.84
N PRO D 60 14.44 1.12 22.51
CA PRO D 60 13.01 1.37 22.68
C PRO D 60 12.14 0.59 21.73
N PHE D 61 12.68 0.05 20.65
CA PHE D 61 11.89 -0.66 19.66
C PHE D 61 11.85 -2.16 19.86
N ARG D 62 12.50 -2.67 20.90
CA ARG D 62 12.43 -4.10 21.23
C ARG D 62 12.99 -4.37 22.62
N SER E 37 -10.30 -57.62 -11.53
CA SER E 37 -11.59 -57.72 -10.85
C SER E 37 -12.21 -59.08 -11.08
N LEU E 38 -11.40 -60.02 -11.56
CA LEU E 38 -11.93 -61.33 -11.90
C LEU E 38 -12.41 -62.06 -10.66
N ILE E 39 -13.55 -62.72 -10.80
CA ILE E 39 -14.21 -63.40 -9.70
C ILE E 39 -13.47 -64.69 -9.39
N GLY E 40 -13.32 -65.00 -8.11
CA GLY E 40 -12.75 -66.24 -7.66
C GLY E 40 -13.76 -67.05 -6.88
N LYS E 41 -13.42 -68.32 -6.66
CA LYS E 41 -14.33 -69.27 -6.02
C LYS E 41 -13.64 -69.87 -4.82
N VAL E 42 -14.44 -70.46 -3.93
CA VAL E 42 -13.91 -71.14 -2.76
C VAL E 42 -13.43 -72.53 -3.13
N THR E 57 -7.52 -71.54 2.38
CA THR E 57 -8.76 -71.72 1.64
C THR E 57 -8.47 -71.95 0.17
N VAL E 58 -8.92 -73.09 -0.35
CA VAL E 58 -8.77 -73.40 -1.77
C VAL E 58 -9.51 -72.34 -2.57
N PHE E 59 -8.87 -71.80 -3.60
CA PHE E 59 -9.40 -70.66 -4.33
C PHE E 59 -8.95 -70.77 -5.78
N SER E 60 -9.90 -70.91 -6.71
CA SER E 60 -9.56 -71.34 -8.06
C SER E 60 -10.35 -70.53 -9.07
N VAL E 61 -9.83 -70.50 -10.32
CA VAL E 61 -10.37 -69.70 -11.40
C VAL E 61 -10.55 -70.57 -12.64
N ASP E 62 -11.35 -70.06 -13.57
CA ASP E 62 -11.78 -70.82 -14.73
C ASP E 62 -10.79 -70.70 -15.89
N GLU E 63 -11.23 -71.15 -17.06
CA GLU E 63 -10.33 -71.24 -18.21
C GLU E 63 -10.03 -69.87 -18.80
N PHE E 64 -11.05 -69.02 -18.94
CA PHE E 64 -10.85 -67.73 -19.57
C PHE E 64 -9.87 -66.89 -18.76
N SER E 65 -10.04 -66.87 -17.43
CA SER E 65 -9.06 -66.20 -16.58
C SER E 65 -7.71 -66.86 -16.71
N ALA E 66 -7.68 -68.20 -16.82
CA ALA E 66 -6.42 -68.90 -16.95
C ALA E 66 -5.65 -68.43 -18.19
N SER E 67 -6.38 -68.05 -19.25
CA SER E 67 -5.72 -67.46 -20.39
C SER E 67 -5.30 -66.02 -20.11
N VAL E 68 -6.19 -65.24 -19.50
CA VAL E 68 -5.94 -63.80 -19.39
C VAL E 68 -4.74 -63.52 -18.51
N LEU E 69 -4.65 -64.19 -17.37
CA LEU E 69 -3.52 -63.94 -16.48
C LEU E 69 -2.22 -64.48 -17.03
N THR E 70 -2.27 -65.52 -17.87
CA THR E 70 -1.08 -66.13 -18.43
C THR E 70 -0.84 -65.72 -19.87
N GLY E 71 -1.55 -64.71 -20.35
CA GLY E 71 -1.49 -64.33 -21.76
C GLY E 71 -0.49 -63.25 -22.09
N LYS E 72 -0.76 -62.52 -23.18
CA LYS E 72 0.15 -61.51 -23.69
C LYS E 72 -0.26 -60.09 -23.34
N LEU E 73 -1.56 -59.82 -23.17
CA LEU E 73 -2.00 -58.46 -22.91
C LEU E 73 -1.49 -57.96 -21.57
N THR E 74 -1.56 -58.79 -20.53
CA THR E 74 -1.26 -58.35 -19.18
C THR E 74 0.19 -58.57 -18.79
N THR E 75 1.00 -59.09 -19.69
CA THR E 75 2.37 -59.48 -19.37
C THR E 75 3.45 -58.71 -20.11
N VAL E 76 3.17 -58.21 -21.31
CA VAL E 76 4.14 -57.50 -22.12
C VAL E 76 3.67 -56.10 -22.49
N PHE E 77 2.37 -55.97 -22.81
CA PHE E 77 1.87 -54.71 -23.37
C PHE E 77 1.89 -53.58 -22.34
N LEU E 78 1.35 -53.85 -21.15
CA LEU E 78 1.23 -52.79 -20.15
C LEU E 78 2.54 -52.15 -19.73
N PRO E 79 3.64 -52.88 -19.52
CA PRO E 79 4.87 -52.23 -19.04
C PRO E 79 5.37 -51.10 -19.93
N ILE E 80 5.24 -51.22 -21.24
CA ILE E 80 5.61 -50.12 -22.12
C ILE E 80 4.85 -48.85 -21.75
N VAL E 81 3.53 -48.99 -21.62
CA VAL E 81 2.67 -47.84 -21.35
C VAL E 81 3.04 -47.21 -20.02
N TYR E 82 3.15 -48.03 -18.97
CA TYR E 82 3.40 -47.47 -17.65
C TYR E 82 4.78 -46.84 -17.56
N THR E 83 5.79 -47.41 -18.23
CA THR E 83 7.11 -46.79 -18.25
C THR E 83 7.07 -45.42 -18.89
N ILE E 84 6.43 -45.32 -20.07
CA ILE E 84 6.35 -44.03 -20.75
C ILE E 84 5.67 -43.00 -19.85
N VAL E 85 4.55 -43.38 -19.24
CA VAL E 85 3.81 -42.44 -18.42
C VAL E 85 4.66 -41.98 -17.23
N PHE E 86 5.33 -42.92 -16.57
CA PHE E 86 6.21 -42.55 -15.45
C PHE E 86 7.26 -41.54 -15.87
N VAL E 87 8.00 -41.85 -16.93
CA VAL E 87 9.15 -41.05 -17.34
C VAL E 87 8.71 -39.64 -17.73
N VAL E 88 7.69 -39.53 -18.58
CA VAL E 88 7.25 -38.20 -18.99
C VAL E 88 6.62 -37.46 -17.83
N GLY E 89 5.89 -38.17 -16.96
CA GLY E 89 5.02 -37.49 -16.02
C GLY E 89 5.75 -36.87 -14.85
N LEU E 90 6.66 -37.61 -14.22
CA LEU E 90 7.25 -37.11 -12.97
C LEU E 90 7.93 -35.75 -13.12
N PRO E 91 8.98 -35.59 -13.92
CA PRO E 91 9.70 -34.30 -13.91
C PRO E 91 8.85 -33.12 -14.32
N SER E 92 7.94 -33.30 -15.27
CA SER E 92 7.19 -32.17 -15.79
C SER E 92 6.26 -31.58 -14.74
N ASN E 93 5.45 -32.42 -14.09
CA ASN E 93 4.57 -31.90 -13.05
C ASN E 93 5.35 -31.44 -11.83
N GLY E 94 6.50 -32.06 -11.52
CA GLY E 94 7.32 -31.49 -10.46
C GLY E 94 7.76 -30.07 -10.77
N MET E 95 8.23 -29.84 -12.00
CA MET E 95 8.68 -28.52 -12.40
C MET E 95 7.53 -27.52 -12.32
N ALA E 96 6.36 -27.94 -12.78
CA ALA E 96 5.18 -27.07 -12.68
C ALA E 96 4.88 -26.72 -11.23
N LEU E 97 4.99 -27.70 -10.33
CA LEU E 97 4.75 -27.42 -8.91
C LEU E 97 5.72 -26.38 -8.39
N TRP E 98 7.00 -26.53 -8.72
CA TRP E 98 7.99 -25.59 -8.20
C TRP E 98 7.71 -24.18 -8.72
N VAL E 99 7.39 -24.06 -10.01
CA VAL E 99 7.11 -22.74 -10.58
C VAL E 99 5.90 -22.12 -9.91
N PHE E 100 4.83 -22.90 -9.73
CA PHE E 100 3.59 -22.33 -9.21
C PHE E 100 3.71 -22.01 -7.72
N LEU E 101 4.63 -22.66 -7.01
CA LEU E 101 4.73 -22.44 -5.58
C LEU E 101 5.75 -21.35 -5.23
N PHE E 102 6.85 -21.27 -5.98
CA PHE E 102 7.95 -20.39 -5.60
C PHE E 102 8.23 -19.27 -6.59
N ARG E 103 7.59 -19.26 -7.76
CA ARG E 103 7.86 -18.25 -8.78
C ARG E 103 6.63 -17.42 -9.14
N THR E 104 5.64 -17.33 -8.26
CA THR E 104 4.46 -16.52 -8.49
C THR E 104 4.42 -15.38 -7.48
N LYS E 105 4.23 -14.16 -7.98
CA LYS E 105 4.17 -12.99 -7.10
C LYS E 105 2.75 -12.65 -6.69
N LYS E 106 1.81 -12.67 -7.62
CA LYS E 106 0.41 -12.34 -7.36
C LYS E 106 -0.37 -13.65 -7.28
N LYS E 107 -1.03 -13.88 -6.15
CA LYS E 107 -1.77 -15.12 -5.92
C LYS E 107 -3.11 -15.08 -6.68
N HIS E 108 -3.00 -15.06 -8.01
CA HIS E 108 -4.17 -15.18 -8.85
C HIS E 108 -4.70 -16.61 -8.77
N PRO E 109 -6.01 -16.79 -8.65
CA PRO E 109 -6.56 -18.13 -8.37
C PRO E 109 -6.16 -19.21 -9.36
N ALA E 110 -5.95 -18.85 -10.64
CA ALA E 110 -5.53 -19.84 -11.62
C ALA E 110 -4.25 -20.53 -11.20
N VAL E 111 -3.32 -19.77 -10.61
CA VAL E 111 -2.08 -20.36 -10.10
C VAL E 111 -2.36 -21.38 -9.01
N ILE E 112 -3.26 -21.06 -8.07
CA ILE E 112 -3.58 -21.99 -6.99
C ILE E 112 -4.11 -23.30 -7.56
N TYR E 113 -5.11 -23.21 -8.45
CA TYR E 113 -5.73 -24.40 -8.97
C TYR E 113 -4.75 -25.24 -9.79
N MET E 114 -3.93 -24.59 -10.61
CA MET E 114 -3.00 -25.33 -11.44
C MET E 114 -1.93 -26.00 -10.61
N ALA E 115 -1.48 -25.35 -9.53
CA ALA E 115 -0.52 -25.97 -8.63
C ALA E 115 -1.10 -27.21 -7.98
N ASN E 116 -2.35 -27.13 -7.53
CA ASN E 116 -2.96 -28.32 -6.93
C ASN E 116 -3.08 -29.45 -7.94
N LEU E 117 -3.45 -29.16 -9.17
CA LEU E 117 -3.53 -30.23 -10.17
C LEU E 117 -2.16 -30.85 -10.42
N ALA E 118 -1.11 -30.03 -10.47
CA ALA E 118 0.22 -30.57 -10.68
C ALA E 118 0.61 -31.52 -9.56
N LEU E 119 0.31 -31.12 -8.31
CA LEU E 119 0.53 -32.00 -7.17
C LEU E 119 -0.21 -33.32 -7.35
N ALA E 120 -1.47 -33.26 -7.78
CA ALA E 120 -2.26 -34.48 -7.95
C ALA E 120 -1.59 -35.45 -8.90
N ASP E 121 -1.21 -34.98 -10.08
CA ASP E 121 -0.57 -35.88 -11.03
C ASP E 121 0.75 -36.41 -10.50
N LEU E 122 1.53 -35.55 -9.84
CA LEU E 122 2.81 -35.99 -9.30
C LEU E 122 2.63 -37.16 -8.33
N LEU E 123 1.75 -37.00 -7.34
CA LEU E 123 1.53 -38.11 -6.41
C LEU E 123 0.92 -39.31 -7.12
N SER E 124 0.21 -39.10 -8.23
CA SER E 124 -0.30 -40.23 -8.99
C SER E 124 0.81 -41.11 -9.52
N VAL E 125 1.89 -40.51 -9.99
CA VAL E 125 2.83 -41.29 -10.78
C VAL E 125 3.88 -42.07 -10.00
N ILE E 126 4.10 -41.73 -8.72
CA ILE E 126 5.37 -42.14 -8.11
C ILE E 126 5.53 -43.64 -7.82
N TRP E 127 4.53 -44.29 -7.20
CA TRP E 127 4.73 -45.67 -6.75
C TRP E 127 4.83 -46.69 -7.88
N PHE E 128 4.73 -46.28 -9.14
CA PHE E 128 4.62 -47.23 -10.23
C PHE E 128 5.74 -48.27 -10.35
N PRO E 129 6.95 -48.06 -9.83
CA PRO E 129 7.95 -49.15 -9.90
C PRO E 129 7.48 -50.46 -9.28
N LEU E 130 6.77 -50.43 -8.16
CA LEU E 130 6.29 -51.68 -7.59
C LEU E 130 5.26 -52.36 -8.51
N LYS E 131 4.36 -51.57 -9.10
CA LYS E 131 3.36 -52.14 -10.00
C LYS E 131 4.00 -52.75 -11.24
N ILE E 132 5.02 -52.07 -11.77
CA ILE E 132 5.68 -52.62 -12.95
C ILE E 132 6.49 -53.85 -12.58
N ALA E 133 7.01 -53.89 -11.36
CA ALA E 133 7.62 -55.13 -10.86
C ALA E 133 6.59 -56.24 -10.80
N TYR E 134 5.36 -55.91 -10.41
CA TYR E 134 4.30 -56.91 -10.35
C TYR E 134 4.03 -57.49 -11.73
N HIS E 135 3.85 -56.63 -12.73
CA HIS E 135 3.53 -57.15 -14.06
C HIS E 135 4.72 -57.86 -14.70
N ILE E 136 5.95 -57.55 -14.30
CA ILE E 136 7.08 -58.27 -14.91
C ILE E 136 7.36 -59.59 -14.20
N HIS E 137 6.95 -59.73 -12.93
CA HIS E 137 7.10 -60.99 -12.21
C HIS E 137 6.08 -62.04 -12.65
N GLY E 138 5.03 -61.64 -13.37
CA GLY E 138 3.99 -62.59 -13.74
C GLY E 138 2.83 -62.65 -12.78
N ASN E 139 2.36 -61.50 -12.31
CA ASN E 139 1.20 -61.37 -11.43
C ASN E 139 1.44 -61.94 -10.03
N ASN E 140 2.70 -62.05 -9.61
CA ASN E 140 3.04 -62.47 -8.27
C ASN E 140 3.58 -61.30 -7.46
N TRP E 141 3.47 -61.40 -6.14
CA TRP E 141 3.68 -60.26 -5.25
C TRP E 141 4.41 -60.74 -4.01
N ILE E 142 5.37 -59.93 -3.56
CA ILE E 142 6.30 -60.32 -2.51
C ILE E 142 6.47 -59.23 -1.44
N TYR E 143 5.57 -58.26 -1.39
CA TYR E 143 5.83 -57.05 -0.62
C TYR E 143 4.77 -56.75 0.43
N GLY E 144 4.05 -57.75 0.91
CA GLY E 144 3.12 -57.51 2.00
C GLY E 144 1.85 -56.81 1.59
N GLU E 145 0.78 -56.97 2.37
CA GLU E 145 -0.52 -56.45 1.96
C GLU E 145 -0.56 -54.92 2.01
N ALA E 146 0.30 -54.30 2.81
CA ALA E 146 0.25 -52.85 2.99
C ALA E 146 0.50 -52.12 1.68
N LEU E 147 1.48 -52.58 0.89
CA LEU E 147 1.79 -51.91 -0.37
C LEU E 147 0.71 -52.11 -1.41
N CYS E 148 0.10 -53.31 -1.46
CA CYS E 148 -1.06 -53.51 -2.30
C CYS E 148 -2.17 -52.53 -1.95
N ASN E 149 -2.43 -52.38 -0.65
CA ASN E 149 -3.45 -51.42 -0.21
C ASN E 149 -3.10 -50.01 -0.65
N VAL E 150 -1.84 -49.61 -0.47
CA VAL E 150 -1.41 -48.25 -0.79
C VAL E 150 -1.60 -47.96 -2.28
N LEU E 151 -1.15 -48.88 -3.15
CA LEU E 151 -1.33 -48.65 -4.59
C LEU E 151 -2.78 -48.47 -4.95
N ILE E 152 -3.64 -49.39 -4.52
CA ILE E 152 -5.02 -49.37 -4.97
C ILE E 152 -5.73 -48.11 -4.48
N GLY E 153 -5.40 -47.64 -3.28
CA GLY E 153 -6.00 -46.40 -2.81
C GLY E 153 -5.49 -45.17 -3.53
N PHE E 154 -4.17 -45.05 -3.66
CA PHE E 154 -3.56 -43.83 -4.19
C PHE E 154 -3.89 -43.62 -5.67
N PHE E 155 -3.92 -44.70 -6.44
CA PHE E 155 -4.20 -44.60 -7.87
C PHE E 155 -5.53 -43.88 -8.11
N TYR E 156 -6.58 -44.37 -7.47
CA TYR E 156 -7.90 -43.79 -7.66
C TYR E 156 -8.00 -42.41 -7.03
N GLY E 157 -7.41 -42.22 -5.85
CA GLY E 157 -7.44 -40.90 -5.23
C GLY E 157 -6.84 -39.83 -6.11
N ASN E 158 -5.69 -40.13 -6.72
CA ASN E 158 -5.01 -39.16 -7.56
C ASN E 158 -5.77 -38.88 -8.86
N MET E 159 -6.27 -39.90 -9.54
CA MET E 159 -7.07 -39.62 -10.73
C MET E 159 -8.26 -38.72 -10.40
N TYR E 160 -8.98 -39.01 -9.32
CA TYR E 160 -10.17 -38.21 -9.11
C TYR E 160 -9.82 -36.81 -8.59
N CYS E 161 -8.67 -36.65 -7.95
CA CYS E 161 -8.20 -35.30 -7.65
C CYS E 161 -7.98 -34.49 -8.93
N SER E 162 -7.35 -35.12 -9.93
CA SER E 162 -7.13 -34.43 -11.20
C SER E 162 -8.44 -33.96 -11.82
N ILE E 163 -9.41 -34.87 -11.92
CA ILE E 163 -10.66 -34.51 -12.58
C ILE E 163 -11.36 -33.36 -11.83
N LEU E 164 -11.33 -33.42 -10.48
CA LEU E 164 -12.01 -32.38 -9.71
C LEU E 164 -11.38 -31.00 -9.94
N PHE E 165 -10.05 -30.93 -9.97
CA PHE E 165 -9.46 -29.61 -10.14
C PHE E 165 -9.65 -29.08 -11.56
N MET E 166 -9.71 -29.96 -12.57
CA MET E 166 -10.07 -29.47 -13.90
C MET E 166 -11.45 -28.82 -13.89
N THR E 167 -12.43 -29.45 -13.26
CA THR E 167 -13.77 -28.85 -13.22
C THR E 167 -13.74 -27.48 -12.55
N CYS E 168 -13.00 -27.37 -11.43
CA CYS E 168 -12.92 -26.10 -10.74
C CYS E 168 -12.34 -24.99 -11.62
N LEU E 169 -11.28 -25.33 -12.37
CA LEU E 169 -10.66 -24.33 -13.24
C LEU E 169 -11.62 -23.85 -14.32
N SER E 170 -12.40 -24.77 -14.89
CA SER E 170 -13.38 -24.35 -15.90
C SER E 170 -14.39 -23.37 -15.32
N VAL E 171 -14.91 -23.65 -14.13
CA VAL E 171 -15.91 -22.75 -13.55
C VAL E 171 -15.31 -21.37 -13.29
N GLN E 172 -14.07 -21.33 -12.79
CA GLN E 172 -13.45 -20.02 -12.55
C GLN E 172 -13.31 -19.21 -13.83
N ARG E 173 -12.86 -19.85 -14.91
CA ARG E 173 -12.69 -19.11 -16.17
C ARG E 173 -14.01 -18.53 -16.64
N TYR E 174 -15.08 -19.34 -16.63
CA TYR E 174 -16.37 -18.80 -17.06
C TYR E 174 -16.81 -17.64 -16.19
N TRP E 175 -16.62 -17.78 -14.88
CA TRP E 175 -17.07 -16.73 -13.98
C TRP E 175 -16.36 -15.41 -14.27
N VAL E 176 -15.05 -15.46 -14.53
CA VAL E 176 -14.32 -14.23 -14.77
C VAL E 176 -14.71 -13.60 -16.12
N ILE E 177 -14.79 -14.41 -17.18
CA ILE E 177 -15.07 -13.81 -18.49
C ILE E 177 -16.50 -13.27 -18.55
N VAL E 178 -17.47 -13.98 -17.97
CA VAL E 178 -18.86 -13.55 -18.11
C VAL E 178 -19.12 -12.23 -17.37
N ASN E 179 -18.48 -12.02 -16.23
CA ASN E 179 -18.60 -10.78 -15.46
C ASN E 179 -17.20 -10.20 -15.30
N PRO E 180 -16.86 -9.14 -16.05
CA PRO E 180 -15.47 -8.65 -16.03
C PRO E 180 -15.02 -8.13 -14.67
N LYS E 186 -10.56 -12.22 -2.80
CA LYS E 186 -11.63 -13.09 -2.34
C LYS E 186 -11.62 -14.41 -3.10
N LYS E 187 -11.37 -14.36 -4.40
CA LYS E 187 -11.29 -15.59 -5.19
C LYS E 187 -10.10 -16.45 -4.78
N ALA E 188 -8.97 -15.85 -4.41
CA ALA E 188 -7.84 -16.64 -3.93
C ALA E 188 -8.13 -17.29 -2.59
N ASN E 189 -8.76 -16.55 -1.68
CA ASN E 189 -9.16 -17.14 -0.41
C ASN E 189 -10.14 -18.30 -0.62
N ILE E 190 -11.14 -18.11 -1.48
CA ILE E 190 -12.07 -19.19 -1.77
C ILE E 190 -11.34 -20.34 -2.47
N ALA E 191 -10.30 -20.03 -3.23
CA ALA E 191 -9.52 -21.08 -3.87
C ALA E 191 -8.84 -21.97 -2.83
N ILE E 192 -8.23 -21.36 -1.81
CA ILE E 192 -7.63 -22.16 -0.75
C ILE E 192 -8.70 -22.97 -0.01
N GLY E 193 -9.83 -22.32 0.28
CA GLY E 193 -10.90 -23.03 0.96
C GLY E 193 -11.41 -24.23 0.18
N ILE E 194 -11.65 -24.06 -1.12
CA ILE E 194 -12.17 -25.13 -1.95
C ILE E 194 -11.12 -26.21 -2.15
N SER E 195 -9.85 -25.83 -2.28
CA SER E 195 -8.79 -26.82 -2.35
C SER E 195 -8.79 -27.72 -1.13
N LEU E 196 -8.84 -27.12 0.06
CA LEU E 196 -8.87 -27.93 1.28
C LEU E 196 -10.13 -28.78 1.34
N ALA E 197 -11.28 -28.23 0.93
CA ALA E 197 -12.51 -29.00 0.96
C ALA E 197 -12.43 -30.23 0.08
N ILE E 198 -11.92 -30.07 -1.14
CA ILE E 198 -11.85 -31.19 -2.07
C ILE E 198 -10.86 -32.24 -1.57
N TRP E 199 -9.70 -31.80 -1.09
CA TRP E 199 -8.73 -32.76 -0.55
C TRP E 199 -9.34 -33.55 0.60
N LEU E 200 -10.02 -32.86 1.50
CA LEU E 200 -10.59 -33.51 2.67
C LEU E 200 -11.68 -34.49 2.27
N LEU E 201 -12.50 -34.13 1.27
CA LEU E 201 -13.51 -35.05 0.79
C LEU E 201 -12.89 -36.30 0.20
N ILE E 202 -11.82 -36.12 -0.58
CA ILE E 202 -11.16 -37.28 -1.20
C ILE E 202 -10.61 -38.21 -0.13
N LEU E 203 -10.04 -37.65 0.94
CA LEU E 203 -9.48 -38.49 1.99
C LEU E 203 -10.55 -39.30 2.71
N LEU E 204 -11.80 -38.90 2.61
CA LEU E 204 -12.88 -39.65 3.24
C LEU E 204 -13.57 -40.63 2.31
N VAL E 205 -13.16 -40.71 1.04
CA VAL E 205 -13.68 -41.72 0.11
C VAL E 205 -12.59 -42.64 -0.42
N THR E 206 -11.34 -42.49 -0.02
CA THR E 206 -10.30 -43.42 -0.39
C THR E 206 -10.03 -44.47 0.69
N ILE E 207 -10.64 -44.33 1.87
CA ILE E 207 -10.37 -45.27 2.96
C ILE E 207 -10.77 -46.70 2.60
N PRO E 208 -12.03 -46.98 2.19
CA PRO E 208 -12.49 -48.37 2.16
C PRO E 208 -11.64 -49.31 1.32
N LEU E 209 -10.65 -48.79 0.60
CA LEU E 209 -9.82 -49.67 -0.21
C LEU E 209 -8.76 -50.39 0.61
N TYR E 210 -8.45 -49.89 1.80
CA TYR E 210 -7.45 -50.51 2.65
C TYR E 210 -8.05 -51.51 3.63
N VAL E 211 -9.25 -51.30 4.09
CA VAL E 211 -9.84 -52.04 5.19
C VAL E 211 -10.36 -53.40 4.76
N VAL E 212 -10.31 -53.71 3.46
CA VAL E 212 -10.72 -55.01 2.95
C VAL E 212 -9.53 -55.64 2.26
N LYS E 213 -9.24 -56.90 2.59
CA LYS E 213 -8.06 -57.56 2.06
C LYS E 213 -8.10 -57.58 0.54
N GLN E 214 -7.01 -57.16 -0.08
CA GLN E 214 -6.99 -56.97 -1.52
C GLN E 214 -6.24 -58.07 -2.25
N THR E 215 -5.59 -58.98 -1.55
CA THR E 215 -4.76 -59.98 -2.19
C THR E 215 -5.35 -61.37 -1.99
N ILE E 216 -5.15 -62.22 -2.99
CA ILE E 216 -5.75 -63.56 -3.00
C ILE E 216 -4.73 -64.57 -3.52
N PHE E 217 -4.84 -65.81 -3.05
CA PHE E 217 -3.96 -66.90 -3.46
C PHE E 217 -4.70 -67.84 -4.41
N ILE E 218 -4.00 -68.36 -5.41
CA ILE E 218 -4.54 -69.29 -6.37
C ILE E 218 -3.53 -70.42 -6.56
N PRO E 219 -3.84 -71.63 -6.08
CA PRO E 219 -2.87 -72.73 -6.17
C PRO E 219 -2.61 -73.22 -7.58
N ALA E 220 -3.65 -73.41 -8.40
CA ALA E 220 -3.48 -74.06 -9.70
C ALA E 220 -2.44 -73.32 -10.55
N LEU E 221 -2.33 -72.00 -10.36
CA LEU E 221 -1.21 -71.25 -10.91
C LEU E 221 -0.11 -71.02 -9.90
N ASN E 222 -0.35 -71.34 -8.62
CA ASN E 222 0.60 -71.06 -7.55
C ASN E 222 1.00 -69.59 -7.52
N ILE E 223 0.00 -68.71 -7.63
CA ILE E 223 0.23 -67.29 -7.76
C ILE E 223 -0.61 -66.54 -6.74
N THR E 224 0.00 -65.58 -6.06
CA THR E 224 -0.70 -64.65 -5.19
C THR E 224 -0.80 -63.31 -5.90
N THR E 225 -2.02 -62.79 -6.04
CA THR E 225 -2.26 -61.60 -6.86
C THR E 225 -2.79 -60.45 -6.01
N CYS E 226 -2.46 -59.25 -6.45
CA CYS E 226 -2.87 -57.99 -5.83
C CYS E 226 -3.96 -57.22 -6.57
N HIS E 227 -5.22 -57.46 -6.20
CA HIS E 227 -6.40 -56.75 -6.66
C HIS E 227 -6.80 -57.04 -8.09
N ASP E 228 -6.13 -57.97 -8.76
CA ASP E 228 -6.63 -58.45 -10.04
C ASP E 228 -7.60 -59.61 -9.87
N VAL E 229 -7.60 -60.28 -8.73
CA VAL E 229 -8.51 -61.37 -8.46
C VAL E 229 -9.16 -61.13 -7.10
N LEU E 230 -10.47 -61.36 -6.99
CA LEU E 230 -11.15 -61.13 -5.72
C LEU E 230 -12.24 -62.17 -5.46
N PRO E 231 -12.59 -62.40 -4.19
CA PRO E 231 -13.69 -63.32 -3.88
C PRO E 231 -15.06 -62.74 -4.24
N GLU E 232 -16.00 -63.64 -4.55
CA GLU E 232 -17.26 -63.23 -5.15
C GLU E 232 -18.17 -62.49 -4.19
N GLN E 233 -18.28 -62.97 -2.95
CA GLN E 233 -19.27 -62.42 -2.03
C GLN E 233 -19.03 -60.95 -1.72
N LEU E 234 -17.82 -60.45 -1.95
CA LEU E 234 -17.50 -59.04 -1.76
C LEU E 234 -17.91 -58.20 -2.97
N LEU E 235 -17.88 -58.78 -4.17
CA LEU E 235 -18.14 -58.00 -5.38
C LEU E 235 -19.56 -57.49 -5.45
N VAL E 236 -20.54 -58.26 -4.96
CA VAL E 236 -21.93 -57.85 -5.05
C VAL E 236 -22.35 -56.92 -3.91
N GLY E 237 -21.45 -56.63 -2.96
CA GLY E 237 -21.82 -55.90 -1.77
C GLY E 237 -21.25 -54.50 -1.64
N ASP E 238 -20.19 -54.37 -0.83
CA ASP E 238 -19.61 -53.05 -0.59
C ASP E 238 -18.85 -52.50 -1.79
N MET E 239 -18.03 -53.33 -2.43
CA MET E 239 -17.25 -52.87 -3.57
C MET E 239 -18.13 -52.43 -4.71
N PHE E 240 -19.28 -53.08 -4.90
CA PHE E 240 -20.19 -52.64 -5.95
C PHE E 240 -20.62 -51.20 -5.72
N ASN E 241 -21.11 -50.90 -4.52
CA ASN E 241 -21.57 -49.56 -4.22
C ASN E 241 -20.42 -48.57 -4.36
N TYR E 242 -19.25 -48.91 -3.83
CA TYR E 242 -18.13 -48.00 -3.87
C TYR E 242 -17.73 -47.66 -5.31
N PHE E 243 -17.60 -48.68 -6.16
CA PHE E 243 -17.11 -48.41 -7.52
C PHE E 243 -18.16 -47.76 -8.40
N LEU E 244 -19.42 -48.19 -8.32
CA LEU E 244 -20.41 -47.51 -9.15
C LEU E 244 -20.64 -46.08 -8.66
N SER E 245 -20.51 -45.85 -7.35
CA SER E 245 -20.62 -44.50 -6.81
C SER E 245 -19.48 -43.62 -7.29
N LEU E 246 -18.25 -44.15 -7.30
CA LEU E 246 -17.15 -43.37 -7.86
C LEU E 246 -17.36 -43.11 -9.35
N ALA E 247 -17.85 -44.12 -10.08
CA ALA E 247 -18.00 -43.99 -11.52
C ALA E 247 -19.02 -42.92 -11.90
N ILE E 248 -20.15 -42.87 -11.21
CA ILE E 248 -21.22 -41.95 -11.60
C ILE E 248 -21.19 -40.66 -10.81
N GLY E 249 -21.07 -40.75 -9.49
CA GLY E 249 -21.17 -39.55 -8.66
C GLY E 249 -20.07 -38.54 -8.89
N VAL E 250 -18.85 -39.01 -9.16
CA VAL E 250 -17.70 -38.12 -9.23
C VAL E 250 -17.17 -38.02 -10.67
N PHE E 251 -17.95 -38.46 -11.65
CA PHE E 251 -17.57 -38.18 -13.02
C PHE E 251 -18.63 -37.39 -13.79
N LEU E 252 -19.90 -37.80 -13.71
CA LEU E 252 -20.88 -37.25 -14.63
C LEU E 252 -21.27 -35.80 -14.32
N PHE E 253 -21.55 -35.49 -13.05
CA PHE E 253 -21.98 -34.13 -12.73
C PHE E 253 -20.90 -33.10 -13.03
N PRO E 254 -19.65 -33.27 -12.59
CA PRO E 254 -18.60 -32.33 -13.03
C PRO E 254 -18.38 -32.32 -14.53
N ALA E 255 -18.61 -33.44 -15.22
CA ALA E 255 -18.45 -33.43 -16.68
C ALA E 255 -19.47 -32.51 -17.32
N PHE E 256 -20.73 -32.57 -16.87
CA PHE E 256 -21.72 -31.64 -17.39
C PHE E 256 -21.36 -30.19 -17.06
N LEU E 257 -20.89 -29.95 -15.84
CA LEU E 257 -20.50 -28.57 -15.51
C LEU E 257 -19.41 -28.05 -16.45
N THR E 258 -18.36 -28.84 -16.67
CA THR E 258 -17.27 -28.37 -17.51
C THR E 258 -17.72 -28.16 -18.96
N ALA E 259 -18.50 -29.10 -19.49
CA ALA E 259 -18.97 -28.95 -20.85
C ALA E 259 -19.82 -27.69 -21.02
N SER E 260 -20.74 -27.47 -20.08
CA SER E 260 -21.58 -26.29 -20.15
C SER E 260 -20.76 -25.01 -20.10
N ALA E 261 -19.82 -24.93 -19.16
CA ALA E 261 -19.04 -23.72 -19.01
C ALA E 261 -18.26 -23.38 -20.27
N TYR E 262 -17.54 -24.36 -20.83
CA TYR E 262 -16.74 -24.05 -22.02
C TYR E 262 -17.59 -23.72 -23.23
N VAL E 263 -18.70 -24.45 -23.45
CA VAL E 263 -19.52 -24.15 -24.61
C VAL E 263 -20.10 -22.74 -24.52
N LEU E 264 -20.57 -22.35 -23.33
CA LEU E 264 -21.11 -21.00 -23.19
C LEU E 264 -20.04 -19.94 -23.38
N MET E 265 -18.84 -20.19 -22.86
CA MET E 265 -17.75 -19.23 -23.04
C MET E 265 -17.45 -19.02 -24.51
N ILE E 266 -17.44 -20.11 -25.30
CA ILE E 266 -17.22 -19.97 -26.73
C ILE E 266 -18.34 -19.16 -27.37
N ARG E 267 -19.59 -19.48 -27.04
CA ARG E 267 -20.72 -18.76 -27.62
C ARG E 267 -20.60 -17.27 -27.37
N MET E 268 -20.07 -16.87 -26.22
CA MET E 268 -19.99 -15.45 -25.93
C MET E 268 -18.74 -14.80 -26.54
N LEU E 269 -17.66 -15.56 -26.75
CA LEU E 269 -16.50 -14.95 -27.40
C LEU E 269 -16.61 -14.91 -28.92
N ARG E 270 -17.57 -15.59 -29.52
CA ARG E 270 -17.68 -15.59 -30.98
C ARG E 270 -18.77 -14.67 -31.50
N SER E 271 -19.44 -13.92 -30.64
CA SER E 271 -20.58 -13.12 -31.08
C SER E 271 -20.11 -11.93 -31.90
N SER E 272 -20.99 -11.47 -32.77
CA SER E 272 -20.73 -10.27 -33.59
C SER E 272 -21.30 -9.03 -32.89
N ALA E 273 -20.93 -8.87 -31.64
CA ALA E 273 -21.39 -7.74 -30.83
C ALA E 273 -20.22 -7.20 -30.02
N MET E 274 -19.02 -7.21 -30.61
CA MET E 274 -17.85 -6.64 -29.96
C MET E 274 -16.85 -6.24 -31.04
N ASP E 275 -15.84 -5.49 -30.61
CA ASP E 275 -14.98 -4.75 -31.52
C ASP E 275 -14.20 -5.67 -32.44
N GLU E 276 -13.98 -5.19 -33.67
CA GLU E 276 -13.21 -5.95 -34.65
C GLU E 276 -11.74 -6.06 -34.27
N ASN E 277 -11.20 -5.04 -33.60
CA ASN E 277 -9.77 -4.98 -33.34
C ASN E 277 -9.27 -6.10 -32.43
N SER E 278 -10.17 -6.81 -31.75
CA SER E 278 -9.78 -7.92 -30.88
C SER E 278 -9.76 -9.26 -31.61
N GLU E 279 -10.21 -9.30 -32.87
CA GLU E 279 -10.50 -10.57 -33.53
C GLU E 279 -9.29 -11.50 -33.56
N LYS E 280 -8.14 -11.00 -33.97
CA LYS E 280 -6.96 -11.85 -34.11
C LYS E 280 -6.60 -12.54 -32.81
N LYS E 281 -6.97 -11.97 -31.66
CA LYS E 281 -6.77 -12.67 -30.40
C LYS E 281 -7.88 -13.67 -30.12
N ARG E 282 -9.14 -13.25 -30.25
CA ARG E 282 -10.25 -14.08 -29.78
C ARG E 282 -10.25 -15.45 -30.45
N LYS E 283 -10.01 -15.50 -31.76
CA LYS E 283 -10.04 -16.80 -32.45
C LYS E 283 -8.98 -17.74 -31.90
N ARG E 284 -7.78 -17.23 -31.61
CA ARG E 284 -6.79 -18.08 -30.94
C ARG E 284 -7.37 -18.67 -29.66
N ALA E 285 -8.05 -17.84 -28.87
CA ALA E 285 -8.63 -18.29 -27.61
C ALA E 285 -9.66 -19.39 -27.83
N ILE E 286 -10.24 -19.49 -29.02
CA ILE E 286 -11.14 -20.60 -29.28
C ILE E 286 -10.38 -21.91 -29.37
N LYS E 287 -9.24 -21.91 -30.09
CA LYS E 287 -8.54 -23.17 -30.33
C LYS E 287 -7.91 -23.73 -29.06
N LEU E 288 -7.71 -22.90 -28.04
CA LEU E 288 -7.22 -23.44 -26.77
C LEU E 288 -8.33 -23.89 -25.84
N ILE E 289 -9.59 -23.80 -26.24
CA ILE E 289 -10.65 -24.45 -25.48
C ILE E 289 -11.04 -25.77 -26.11
N VAL E 290 -11.24 -25.78 -27.43
CA VAL E 290 -11.68 -26.99 -28.12
C VAL E 290 -10.67 -28.12 -27.95
N THR E 291 -9.38 -27.80 -27.96
CA THR E 291 -8.38 -28.85 -27.80
C THR E 291 -8.32 -29.37 -26.37
N VAL E 292 -8.79 -28.62 -25.37
CA VAL E 292 -8.82 -29.14 -24.00
C VAL E 292 -10.06 -29.98 -23.77
N LEU E 293 -11.22 -29.39 -23.98
CA LEU E 293 -12.48 -30.09 -23.76
C LEU E 293 -12.54 -31.42 -24.50
N ALA E 294 -12.27 -31.39 -25.81
CA ALA E 294 -12.37 -32.62 -26.60
C ALA E 294 -11.38 -33.68 -26.14
N MET E 295 -10.28 -33.26 -25.51
CA MET E 295 -9.38 -34.25 -24.93
C MET E 295 -10.01 -34.90 -23.70
N TYR E 296 -10.55 -34.07 -22.80
CA TYR E 296 -11.07 -34.53 -21.52
C TYR E 296 -12.09 -35.64 -21.68
N LEU E 297 -13.01 -35.48 -22.64
CA LEU E 297 -14.08 -36.46 -22.77
C LEU E 297 -13.61 -37.74 -23.46
N ILE E 298 -12.51 -37.68 -24.22
CA ILE E 298 -12.14 -38.86 -24.98
C ILE E 298 -11.08 -39.67 -24.23
N CYS E 299 -10.47 -39.07 -23.21
CA CYS E 299 -9.50 -39.80 -22.41
C CYS E 299 -10.15 -40.52 -21.24
N PHE E 300 -11.15 -39.91 -20.61
CA PHE E 300 -11.75 -40.46 -19.40
C PHE E 300 -13.04 -41.23 -19.65
N THR E 301 -13.94 -40.72 -20.49
CA THR E 301 -15.25 -41.35 -20.65
C THR E 301 -15.19 -42.81 -21.10
N PRO E 302 -14.31 -43.21 -22.03
CA PRO E 302 -14.27 -44.64 -22.38
C PRO E 302 -13.86 -45.55 -21.23
N SER E 303 -13.30 -45.00 -20.14
CA SER E 303 -13.05 -45.83 -18.97
C SER E 303 -14.35 -46.11 -18.21
N ASN E 304 -14.95 -45.07 -17.64
CA ASN E 304 -16.01 -45.28 -16.67
C ASN E 304 -17.18 -46.05 -17.26
N LEU E 305 -17.63 -45.68 -18.47
CA LEU E 305 -18.72 -46.43 -19.08
C LEU E 305 -18.45 -47.92 -19.06
N LEU E 306 -17.27 -48.35 -19.54
CA LEU E 306 -17.00 -49.78 -19.58
C LEU E 306 -17.07 -50.37 -18.19
N LEU E 307 -16.50 -49.67 -17.20
CA LEU E 307 -16.57 -50.14 -15.83
C LEU E 307 -18.00 -50.46 -15.44
N VAL E 308 -18.92 -49.53 -15.68
CA VAL E 308 -20.30 -49.79 -15.32
C VAL E 308 -20.78 -51.04 -16.02
N VAL E 309 -20.56 -51.12 -17.34
CA VAL E 309 -21.00 -52.29 -18.07
C VAL E 309 -20.45 -53.55 -17.44
N HIS E 310 -19.17 -53.50 -17.08
CA HIS E 310 -18.52 -54.64 -16.43
C HIS E 310 -19.38 -55.17 -15.29
N TYR E 311 -19.63 -54.32 -14.29
CA TYR E 311 -20.26 -54.84 -13.09
C TYR E 311 -21.68 -55.27 -13.37
N PHE E 312 -22.30 -54.75 -14.43
CA PHE E 312 -23.69 -55.09 -14.69
C PHE E 312 -23.81 -56.54 -15.16
N LEU E 313 -22.68 -57.17 -15.46
CA LEU E 313 -22.72 -58.59 -15.81
C LEU E 313 -22.39 -59.46 -14.60
N ILE E 314 -21.82 -58.86 -13.54
CA ILE E 314 -21.55 -59.63 -12.34
C ILE E 314 -22.77 -59.68 -11.43
N LYS E 315 -23.41 -58.53 -11.20
CA LYS E 315 -24.60 -58.50 -10.37
C LYS E 315 -25.80 -59.16 -11.01
N SER E 316 -25.75 -59.50 -12.29
CA SER E 316 -26.86 -60.15 -12.95
C SER E 316 -26.50 -61.55 -13.46
N GLN E 317 -25.41 -61.69 -14.22
CA GLN E 317 -25.14 -62.95 -14.89
C GLN E 317 -24.05 -63.79 -14.22
N GLY E 318 -22.89 -63.21 -13.94
CA GLY E 318 -21.81 -64.02 -13.42
C GLY E 318 -20.75 -64.42 -14.42
N GLN E 319 -20.53 -63.62 -15.45
CA GLN E 319 -19.36 -63.75 -16.31
C GLN E 319 -18.56 -62.44 -16.26
N SER E 320 -17.25 -62.55 -16.48
CA SER E 320 -16.35 -61.42 -16.35
C SER E 320 -15.44 -61.33 -17.57
N HIS E 321 -16.02 -61.36 -18.75
CA HIS E 321 -15.26 -61.42 -19.99
C HIS E 321 -14.93 -60.06 -20.60
N VAL E 322 -15.24 -58.96 -19.91
CA VAL E 322 -14.93 -57.63 -20.42
C VAL E 322 -13.78 -56.97 -19.67
N TYR E 323 -12.87 -57.76 -19.08
CA TYR E 323 -11.79 -57.19 -18.31
C TYR E 323 -10.71 -56.60 -19.21
N ALA E 324 -10.48 -57.22 -20.37
CA ALA E 324 -9.46 -56.72 -21.28
C ALA E 324 -9.81 -55.33 -21.79
N LEU E 325 -11.09 -55.09 -22.05
CA LEU E 325 -11.53 -53.76 -22.44
C LEU E 325 -11.23 -52.74 -21.35
N TYR E 326 -11.45 -53.11 -20.09
CA TYR E 326 -11.13 -52.19 -19.01
C TYR E 326 -9.63 -51.91 -18.97
N ILE E 327 -8.81 -52.93 -19.20
CA ILE E 327 -7.36 -52.73 -19.14
C ILE E 327 -6.92 -51.73 -20.20
N VAL E 328 -7.42 -51.89 -21.43
CA VAL E 328 -7.00 -50.97 -22.48
C VAL E 328 -7.54 -49.57 -22.24
N ALA E 329 -8.78 -49.44 -21.76
CA ALA E 329 -9.30 -48.12 -21.47
C ALA E 329 -8.52 -47.45 -20.34
N LEU E 330 -8.02 -48.24 -19.39
CA LEU E 330 -7.24 -47.66 -18.31
C LEU E 330 -5.88 -47.21 -18.81
N CYS E 331 -5.30 -47.96 -19.75
CA CYS E 331 -4.12 -47.47 -20.44
C CYS E 331 -4.38 -46.10 -21.04
N LEU E 332 -5.52 -45.95 -21.71
CA LEU E 332 -5.83 -44.68 -22.34
C LEU E 332 -6.00 -43.57 -21.29
N SER E 333 -6.62 -43.89 -20.16
CA SER E 333 -6.94 -42.87 -19.17
C SER E 333 -5.78 -42.56 -18.24
N THR E 334 -4.67 -43.28 -18.35
CA THR E 334 -3.50 -42.91 -17.56
C THR E 334 -2.61 -41.88 -18.27
N LEU E 335 -2.75 -41.71 -19.58
CA LEU E 335 -1.90 -40.79 -20.35
C LEU E 335 -2.14 -39.32 -20.03
N ASN E 336 -3.22 -38.99 -19.32
CA ASN E 336 -3.49 -37.57 -19.07
C ASN E 336 -2.48 -36.96 -18.13
N SER E 337 -1.92 -37.75 -17.22
CA SER E 337 -0.87 -37.25 -16.34
C SER E 337 0.36 -36.78 -17.09
N CYS E 338 0.52 -37.17 -18.36
CA CYS E 338 1.58 -36.65 -19.22
C CYS E 338 1.07 -35.64 -20.23
N ILE E 339 -0.16 -35.77 -20.70
CA ILE E 339 -0.63 -34.91 -21.78
C ILE E 339 -1.24 -33.61 -21.26
N ASP E 340 -1.50 -33.52 -19.96
CA ASP E 340 -2.10 -32.31 -19.42
C ASP E 340 -1.16 -31.12 -19.33
N PRO E 341 0.08 -31.24 -18.86
CA PRO E 341 0.95 -30.05 -18.80
C PRO E 341 1.28 -29.46 -20.17
N PHE E 342 1.19 -30.23 -21.24
CA PHE E 342 1.47 -29.73 -22.58
C PHE E 342 0.29 -28.97 -23.19
N VAL E 343 -0.91 -29.13 -22.64
CA VAL E 343 -2.09 -28.47 -23.19
C VAL E 343 -2.67 -27.43 -22.23
N TYR E 344 -2.36 -27.50 -20.94
CA TYR E 344 -2.79 -26.49 -19.99
C TYR E 344 -1.70 -25.46 -19.66
N TYR E 345 -0.46 -25.90 -19.47
CA TYR E 345 0.63 -25.05 -18.99
C TYR E 345 1.51 -24.49 -20.08
N PHE E 346 2.09 -25.34 -20.93
CA PHE E 346 3.18 -24.89 -21.79
C PHE E 346 2.73 -24.02 -22.96
N VAL E 347 1.44 -24.01 -23.30
CA VAL E 347 0.96 -23.15 -24.38
C VAL E 347 0.61 -21.81 -23.75
N SER E 348 1.64 -21.00 -23.55
CA SER E 348 1.50 -19.67 -23.00
C SER E 348 2.82 -18.95 -23.19
N HIS E 349 2.78 -17.62 -23.08
CA HIS E 349 3.98 -16.82 -23.23
C HIS E 349 4.60 -16.40 -21.91
N ASP E 350 3.80 -16.34 -20.85
CA ASP E 350 4.28 -15.86 -19.55
C ASP E 350 4.80 -16.99 -18.69
N PHE E 351 4.02 -18.06 -18.52
CA PHE E 351 4.44 -19.17 -17.69
C PHE E 351 5.71 -19.80 -18.22
N ARG E 352 5.80 -19.95 -19.54
CA ARG E 352 6.97 -20.58 -20.13
C ARG E 352 8.23 -19.76 -19.89
N ASP E 353 8.14 -18.44 -20.04
CA ASP E 353 9.29 -17.58 -19.76
C ASP E 353 9.67 -17.61 -18.28
N HIS E 354 8.69 -17.54 -17.37
CA HIS E 354 9.02 -17.63 -15.95
C HIS E 354 9.68 -18.95 -15.62
N ALA E 355 9.19 -20.05 -16.20
CA ALA E 355 9.76 -21.35 -15.90
C ALA E 355 11.16 -21.49 -16.46
N LYS E 356 11.41 -20.99 -17.66
CA LYS E 356 12.73 -21.11 -18.24
C LYS E 356 13.73 -20.17 -17.58
N ASN E 357 13.27 -19.05 -17.02
CA ASN E 357 14.18 -18.17 -16.30
C ASN E 357 14.32 -18.56 -14.84
N ALA E 358 13.46 -19.46 -14.36
CA ALA E 358 13.52 -19.88 -12.96
C ALA E 358 14.82 -20.61 -12.64
#